data_9F3N
#
_entry.id   9F3N
#
_cell.length_a   177.664
_cell.length_b   177.664
_cell.length_c   90.026
_cell.angle_alpha   90.000
_cell.angle_beta   90.000
_cell.angle_gamma   120.000
#
_symmetry.space_group_name_H-M   'P 63'
#
loop_
_entity.id
_entity.type
_entity.pdbx_description
1 polymer Glucokinase-1
2 non-polymer 'MALONATE ION'
3 water water
#
_entity_poly.entity_id   1
_entity_poly.type   'polypeptide(L)'
_entity_poly.pdbx_seq_one_letter_code
;MSDPKLTKAVDSICDQFIVTKSKISQLTEYFIDCMEKGLEPCESDISQNKGLPMIPTFVTDKPSGQEHGVTMLAADLGGT
NFRVCSVELLGNHEFKIEQEKSKIPTFFFQDDHHVTSKDLFQHMALITHQFLTKHHKDVIQDYKWKMGFTFSYPVDQTSL
SSGKLIRWTKGFKIGDTVGQDVVQLFQQELNDIGLSNVHVVALTNDTTGTLLARCYASSDAARAINEPVIGCIFGTGTNG
CYMEKLENIHKLDPASREELLSQGKTHMCINTEWGSFDNELNHLPTTSYDIKIDQQFSTNPGFHLFEKRVSGLYLGEILR
NILLDLEKQELFDLKESVLKNNPFILTTETLSHIEIDTVENDLQDTRDALLKAADLETTFEERVLIQKLVRAISRRAAFL
AAVPIAAILIKTNALNQSYHCQVEVGCDGSVVEHYPGFRSMMRHALALSPIGPEGERDVHLRISKDGSGVGAALCALHAN
Y
;
_entity_poly.pdbx_strand_id   A,B
#
loop_
_chem_comp.id
_chem_comp.type
_chem_comp.name
_chem_comp.formula
MLI non-polymer 'MALONATE ION' 'C3 H2 O4 -2'
#
# COMPACT_ATOMS: atom_id res chain seq x y z
N SER A 2 27.08 -31.85 4.82
CA SER A 2 27.79 -30.59 4.99
C SER A 2 29.09 -30.57 4.21
N ASP A 3 29.09 -31.27 3.06
CA ASP A 3 30.25 -31.38 2.18
C ASP A 3 30.87 -30.01 1.95
N PRO A 4 32.03 -29.71 2.56
CA PRO A 4 32.62 -28.38 2.36
C PRO A 4 32.94 -28.08 0.91
N LYS A 5 33.21 -29.09 0.08
CA LYS A 5 33.42 -28.85 -1.34
C LYS A 5 32.13 -28.32 -1.98
N LEU A 6 30.99 -28.96 -1.68
CA LEU A 6 29.72 -28.47 -2.20
C LEU A 6 29.41 -27.07 -1.68
N THR A 7 29.67 -26.82 -0.39
CA THR A 7 29.38 -25.51 0.17
C THR A 7 30.18 -24.42 -0.52
N LYS A 8 31.47 -24.65 -0.76
CA LYS A 8 32.29 -23.66 -1.45
C LYS A 8 31.83 -23.47 -2.89
N ALA A 9 31.34 -24.53 -3.53
CA ALA A 9 30.83 -24.40 -4.88
C ALA A 9 29.57 -23.54 -4.92
N VAL A 10 28.66 -23.76 -3.98
CA VAL A 10 27.41 -22.99 -3.95
C VAL A 10 27.70 -21.53 -3.66
N ASP A 11 28.59 -21.24 -2.71
CA ASP A 11 28.90 -19.86 -2.40
C ASP A 11 29.47 -19.13 -3.61
N SER A 12 30.28 -19.83 -4.42
CA SER A 12 30.85 -19.18 -5.59
C SER A 12 29.80 -18.98 -6.69
N ILE A 13 28.85 -19.91 -6.82
CA ILE A 13 27.76 -19.71 -7.78
C ILE A 13 26.88 -18.55 -7.33
N CYS A 14 26.61 -18.46 -6.02
CA CYS A 14 25.77 -17.37 -5.52
C CYS A 14 26.42 -16.02 -5.80
N ASP A 15 27.74 -15.91 -5.66
CA ASP A 15 28.41 -14.65 -5.89
C ASP A 15 28.33 -14.22 -7.35
N GLN A 16 28.12 -15.16 -8.28
CA GLN A 16 27.98 -14.80 -9.68
C GLN A 16 26.65 -14.09 -9.96
N PHE A 17 25.66 -14.23 -9.08
CA PHE A 17 24.37 -13.61 -9.26
C PHE A 17 24.23 -12.28 -8.53
N ILE A 18 25.28 -11.82 -7.83
CA ILE A 18 25.19 -10.58 -7.09
C ILE A 18 25.13 -9.41 -8.07
N VAL A 19 24.18 -8.51 -7.85
CA VAL A 19 24.10 -7.26 -8.58
C VAL A 19 24.47 -6.15 -7.61
N THR A 20 25.57 -5.46 -7.87
CA THR A 20 26.09 -4.46 -6.96
C THR A 20 25.43 -3.11 -7.21
N LYS A 21 25.68 -2.18 -6.29
CA LYS A 21 25.21 -0.81 -6.48
C LYS A 21 25.82 -0.21 -7.74
N SER A 22 27.11 -0.46 -7.96
CA SER A 22 27.77 0.05 -9.15
C SER A 22 27.13 -0.51 -10.43
N LYS A 23 26.79 -1.80 -10.43
CA LYS A 23 26.17 -2.39 -11.61
C LYS A 23 24.80 -1.77 -11.87
N ILE A 24 24.02 -1.54 -10.82
CA ILE A 24 22.70 -0.92 -11.00
C ILE A 24 22.85 0.46 -11.61
N SER A 25 23.80 1.25 -11.10
CA SER A 25 24.05 2.57 -11.68
C SER A 25 24.42 2.45 -13.16
N GLN A 26 25.37 1.56 -13.48
CA GLN A 26 25.82 1.40 -14.85
C GLN A 26 24.65 1.05 -15.78
N LEU A 27 23.82 0.09 -15.37
CA LEU A 27 22.71 -0.34 -16.22
C LEU A 27 21.63 0.73 -16.30
N THR A 28 21.41 1.47 -15.21
CA THR A 28 20.42 2.54 -15.26
C THR A 28 20.83 3.61 -16.26
N GLU A 29 22.11 3.97 -16.27
CA GLU A 29 22.59 4.95 -17.24
C GLU A 29 22.51 4.40 -18.66
N TYR A 30 22.90 3.15 -18.87
CA TYR A 30 22.82 2.58 -20.21
C TYR A 30 21.38 2.44 -20.68
N PHE A 31 20.45 2.18 -19.75
CA PHE A 31 19.05 2.05 -20.13
C PHE A 31 18.50 3.38 -20.64
N ILE A 32 18.85 4.49 -20.00
CA ILE A 32 18.41 5.80 -20.48
C ILE A 32 19.00 6.08 -21.85
N ASP A 33 20.27 5.72 -22.05
CA ASP A 33 20.87 5.88 -23.36
C ASP A 33 20.12 5.06 -24.41
N CYS A 34 19.77 3.81 -24.09
CA CYS A 34 19.01 2.99 -25.03
C CYS A 34 17.61 3.56 -25.25
N MET A 35 17.03 4.19 -24.23
CA MET A 35 15.74 4.84 -24.41
C MET A 35 15.83 5.96 -25.45
N GLU A 36 16.92 6.72 -25.41
CA GLU A 36 17.06 7.85 -26.33
C GLU A 36 17.38 7.38 -27.75
N LYS A 37 18.23 6.34 -27.88
CA LYS A 37 18.50 5.79 -29.20
C LYS A 37 17.22 5.30 -29.86
N GLY A 38 16.34 4.67 -29.08
CA GLY A 38 15.11 4.13 -29.64
C GLY A 38 14.09 5.19 -30.02
N LEU A 39 14.16 6.37 -29.41
CA LEU A 39 13.29 7.48 -29.78
C LEU A 39 13.74 8.18 -31.06
N GLU A 40 14.95 7.88 -31.55
CA GLU A 40 15.41 8.47 -32.80
C GLU A 40 14.84 7.68 -33.98
N PRO A 41 14.62 8.33 -35.11
CA PRO A 41 14.08 7.61 -36.28
C PRO A 41 15.06 6.57 -36.78
N CYS A 42 14.52 5.51 -37.37
CA CYS A 42 15.31 4.37 -37.81
C CYS A 42 15.52 4.37 -39.32
N ASN A 49 18.95 -0.91 -34.29
CA ASN A 49 20.03 -0.28 -33.53
C ASN A 49 20.15 -0.93 -32.15
N LYS A 50 21.07 -0.43 -31.34
CA LYS A 50 21.21 -0.89 -29.96
C LYS A 50 20.24 -0.20 -29.02
N GLY A 51 19.22 0.46 -29.56
CA GLY A 51 18.23 1.14 -28.75
C GLY A 51 16.99 0.29 -28.56
N LEU A 52 16.27 0.57 -27.48
CA LEU A 52 15.04 -0.16 -27.20
C LEU A 52 14.00 0.14 -28.28
N PRO A 53 13.08 -0.79 -28.53
CA PRO A 53 12.06 -0.53 -29.56
C PRO A 53 11.35 0.81 -29.39
N MET A 54 11.02 1.19 -28.16
CA MET A 54 10.36 2.48 -27.89
C MET A 54 9.25 2.73 -28.90
N ILE A 55 8.19 1.92 -28.82
CA ILE A 55 7.15 1.89 -29.85
C ILE A 55 6.03 2.83 -29.43
N PRO A 56 5.67 3.82 -30.25
CA PRO A 56 4.55 4.69 -29.90
C PRO A 56 3.25 3.90 -29.80
N THR A 57 2.43 4.25 -28.80
CA THR A 57 1.12 3.64 -28.62
C THR A 57 -0.01 4.56 -29.05
N PHE A 58 0.29 5.84 -29.28
CA PHE A 58 -0.69 6.83 -29.71
C PHE A 58 -1.80 7.03 -28.69
N VAL A 59 -1.51 6.74 -27.42
CA VAL A 59 -2.38 7.06 -26.30
C VAL A 59 -1.80 8.29 -25.62
N THR A 60 -2.56 9.38 -25.59
CA THR A 60 -2.07 10.66 -25.12
C THR A 60 -2.83 11.21 -23.93
N ASP A 61 -3.79 10.47 -23.39
CA ASP A 61 -4.67 10.97 -22.33
C ASP A 61 -4.82 9.92 -21.25
N LYS A 62 -4.43 10.28 -20.04
CA LYS A 62 -4.66 9.42 -18.88
C LYS A 62 -6.08 9.58 -18.38
N PRO A 63 -6.81 8.50 -18.12
CA PRO A 63 -8.18 8.66 -17.62
C PRO A 63 -8.22 9.32 -16.25
N SER A 64 -9.31 10.02 -15.97
CA SER A 64 -9.47 10.68 -14.69
C SER A 64 -10.00 9.72 -13.62
N GLY A 65 -10.88 8.78 -14.02
CA GLY A 65 -11.57 7.92 -13.08
C GLY A 65 -13.06 8.16 -13.02
N GLN A 66 -13.55 9.23 -13.65
CA GLN A 66 -14.96 9.57 -13.62
C GLN A 66 -15.68 9.31 -14.94
N GLU A 67 -14.98 8.80 -15.95
CA GLU A 67 -15.65 8.44 -17.21
C GLU A 67 -16.75 7.43 -16.93
N HIS A 68 -17.92 7.66 -17.53
CA HIS A 68 -19.07 6.79 -17.27
C HIS A 68 -20.05 6.88 -18.44
N GLY A 69 -21.04 6.01 -18.41
CA GLY A 69 -22.12 6.05 -19.38
C GLY A 69 -21.81 5.38 -20.69
N VAL A 70 -21.02 4.31 -20.70
CA VAL A 70 -20.60 3.67 -21.93
C VAL A 70 -20.24 2.23 -21.62
N THR A 71 -20.39 1.36 -22.62
CA THR A 71 -19.94 -0.03 -22.53
C THR A 71 -19.04 -0.30 -23.74
N MET A 72 -17.81 -0.70 -23.47
CA MET A 72 -16.84 -1.03 -24.50
C MET A 72 -16.59 -2.54 -24.51
N LEU A 73 -16.08 -3.03 -25.63
CA LEU A 73 -15.64 -4.41 -25.76
C LEU A 73 -14.12 -4.46 -25.70
N ALA A 74 -13.60 -5.60 -25.27
CA ALA A 74 -12.16 -5.78 -25.21
C ALA A 74 -11.82 -7.24 -25.47
N ALA A 75 -10.79 -7.46 -26.28
CA ALA A 75 -10.30 -8.80 -26.60
C ALA A 75 -8.83 -8.89 -26.24
N ASP A 76 -8.43 -10.05 -25.73
CA ASP A 76 -7.05 -10.28 -25.29
C ASP A 76 -6.59 -11.62 -25.82
N LEU A 77 -5.53 -11.62 -26.63
CA LEU A 77 -4.91 -12.86 -27.09
C LEU A 77 -3.67 -13.09 -26.23
N GLY A 78 -3.66 -14.20 -25.50
CA GLY A 78 -2.55 -14.56 -24.66
C GLY A 78 -1.83 -15.81 -25.14
N GLY A 79 -1.02 -16.37 -24.25
CA GLY A 79 -0.31 -17.59 -24.56
C GLY A 79 -1.11 -18.86 -24.36
N THR A 80 -2.29 -18.78 -23.76
CA THR A 80 -3.06 -19.97 -23.44
C THR A 80 -4.53 -19.78 -23.78
N ASN A 81 -5.08 -18.60 -23.48
CA ASN A 81 -6.50 -18.34 -23.65
C ASN A 81 -6.72 -17.07 -24.45
N PHE A 82 -7.89 -17.01 -25.06
CA PHE A 82 -8.38 -15.80 -25.72
C PHE A 82 -9.60 -15.31 -24.94
N ARG A 83 -9.54 -14.06 -24.48
CA ARG A 83 -10.59 -13.48 -23.66
C ARG A 83 -11.30 -12.38 -24.42
N VAL A 84 -12.63 -12.36 -24.29
CA VAL A 84 -13.46 -11.28 -24.80
C VAL A 84 -14.37 -10.85 -23.66
N CYS A 85 -14.49 -9.55 -23.46
CA CYS A 85 -15.28 -9.03 -22.36
C CYS A 85 -15.93 -7.71 -22.75
N SER A 86 -16.95 -7.35 -22.00
CA SER A 86 -17.59 -6.05 -22.09
C SER A 86 -17.31 -5.29 -20.81
N VAL A 87 -16.95 -4.02 -20.94
CA VAL A 87 -16.53 -3.20 -19.81
C VAL A 87 -17.50 -2.03 -19.72
N GLU A 88 -18.21 -1.94 -18.60
CA GLU A 88 -19.20 -0.90 -18.35
C GLU A 88 -18.59 0.11 -17.38
N LEU A 89 -18.30 1.31 -17.88
CA LEU A 89 -17.72 2.36 -17.06
C LEU A 89 -18.82 3.06 -16.27
N LEU A 90 -18.76 2.96 -14.95
CA LEU A 90 -19.79 3.50 -14.07
C LEU A 90 -19.38 4.83 -13.43
N GLY A 91 -18.19 5.33 -13.72
CA GLY A 91 -17.68 6.50 -13.04
C GLY A 91 -17.31 6.21 -11.60
N ASN A 92 -16.69 7.16 -10.92
CA ASN A 92 -16.28 7.00 -9.53
C ASN A 92 -15.39 5.76 -9.36
N HIS A 93 -14.51 5.53 -10.35
CA HIS A 93 -13.48 4.50 -10.28
C HIS A 93 -14.03 3.09 -10.28
N GLU A 94 -15.27 2.90 -10.75
CA GLU A 94 -15.92 1.60 -10.73
C GLU A 94 -16.35 1.20 -12.14
N PHE A 95 -16.55 -0.10 -12.32
CA PHE A 95 -16.95 -0.65 -13.61
C PHE A 95 -17.61 -2.00 -13.39
N LYS A 96 -18.46 -2.38 -14.35
CA LYS A 96 -19.03 -3.72 -14.42
C LYS A 96 -18.43 -4.43 -15.62
N ILE A 97 -18.00 -5.68 -15.41
CA ILE A 97 -17.30 -6.44 -16.45
C ILE A 97 -17.94 -7.81 -16.57
N GLU A 98 -18.24 -8.22 -17.79
CA GLU A 98 -18.64 -9.58 -18.13
C GLU A 98 -17.62 -10.14 -19.12
N GLN A 99 -17.09 -11.31 -18.83
CA GLN A 99 -15.99 -11.85 -19.64
C GLN A 99 -16.15 -13.35 -19.83
N GLU A 100 -15.52 -13.84 -20.89
CA GLU A 100 -15.47 -15.27 -21.20
C GLU A 100 -14.09 -15.60 -21.76
N LYS A 101 -13.52 -16.71 -21.31
CA LYS A 101 -12.22 -17.19 -21.78
C LYS A 101 -12.39 -18.56 -22.42
N SER A 102 -11.68 -18.79 -23.51
CA SER A 102 -11.69 -20.08 -24.19
C SER A 102 -10.26 -20.42 -24.59
N LYS A 103 -9.89 -21.68 -24.40
CA LYS A 103 -8.52 -22.11 -24.69
C LYS A 103 -8.22 -21.99 -26.17
N ILE A 104 -7.02 -21.49 -26.47
CA ILE A 104 -6.53 -21.44 -27.86
C ILE A 104 -6.20 -22.86 -28.33
N PRO A 105 -6.75 -23.33 -29.44
CA PRO A 105 -6.41 -24.68 -29.90
C PRO A 105 -4.89 -24.84 -30.01
N THR A 106 -4.40 -25.99 -29.55
CA THR A 106 -2.95 -26.24 -29.54
C THR A 106 -2.34 -26.27 -30.92
N PHE A 107 -3.14 -26.36 -31.99
CA PHE A 107 -2.58 -26.34 -33.34
C PHE A 107 -1.82 -25.05 -33.62
N PHE A 108 -2.17 -23.96 -32.93
CA PHE A 108 -1.54 -22.66 -33.21
C PHE A 108 -0.13 -22.57 -32.66
N PHE A 109 0.27 -23.48 -31.77
CA PHE A 109 1.61 -23.45 -31.18
C PHE A 109 2.51 -24.53 -31.77
N GLN A 110 2.00 -25.31 -32.74
CA GLN A 110 2.75 -26.33 -33.46
C GLN A 110 2.76 -25.97 -34.94
N ASP A 111 3.92 -26.12 -35.59
CA ASP A 111 4.13 -25.55 -36.92
C ASP A 111 3.96 -26.56 -38.06
N ASP A 112 3.34 -27.72 -37.79
CA ASP A 112 3.11 -28.73 -38.82
C ASP A 112 1.62 -28.89 -39.16
N HIS A 113 0.82 -27.85 -38.95
CA HIS A 113 -0.63 -27.94 -39.12
C HIS A 113 -1.19 -26.96 -40.15
N HIS A 114 -0.33 -26.31 -40.93
CA HIS A 114 -0.74 -25.28 -41.89
C HIS A 114 -1.72 -24.29 -41.25
N VAL A 115 -1.29 -23.68 -40.16
CA VAL A 115 -2.08 -22.67 -39.49
C VAL A 115 -1.86 -21.33 -40.16
N THR A 116 -2.94 -20.62 -40.44
CA THR A 116 -2.91 -19.33 -41.12
C THR A 116 -3.50 -18.27 -40.20
N SER A 117 -3.26 -17.00 -40.57
CA SER A 117 -3.83 -15.90 -39.79
C SER A 117 -5.35 -15.96 -39.81
N LYS A 118 -5.94 -16.40 -40.93
CA LYS A 118 -7.39 -16.52 -40.99
C LYS A 118 -7.91 -17.54 -40.00
N ASP A 119 -7.14 -18.62 -39.77
CA ASP A 119 -7.54 -19.61 -38.77
C ASP A 119 -7.61 -18.97 -37.39
N LEU A 120 -6.60 -18.17 -37.04
CA LEU A 120 -6.56 -17.55 -35.72
C LEU A 120 -7.66 -16.50 -35.58
N PHE A 121 -7.68 -15.52 -36.48
CA PHE A 121 -8.60 -14.40 -36.33
C PHE A 121 -10.04 -14.78 -36.62
N GLN A 122 -10.29 -15.84 -37.39
CA GLN A 122 -11.66 -16.33 -37.52
C GLN A 122 -12.11 -17.01 -36.23
N HIS A 123 -11.20 -17.73 -35.57
CA HIS A 123 -11.55 -18.34 -34.30
C HIS A 123 -11.81 -17.26 -33.24
N MET A 124 -11.01 -16.19 -33.23
CA MET A 124 -11.26 -15.09 -32.31
C MET A 124 -12.61 -14.44 -32.59
N ALA A 125 -12.93 -14.28 -33.88
CA ALA A 125 -14.23 -13.71 -34.23
C ALA A 125 -15.36 -14.62 -33.77
N LEU A 126 -15.15 -15.93 -33.84
CA LEU A 126 -16.16 -16.87 -33.36
C LEU A 126 -16.37 -16.73 -31.85
N ILE A 127 -15.29 -16.68 -31.09
CA ILE A 127 -15.40 -16.49 -29.64
C ILE A 127 -16.09 -15.17 -29.34
N THR A 128 -15.72 -14.11 -30.06
CA THR A 128 -16.40 -12.83 -29.90
C THR A 128 -17.90 -12.97 -30.14
N HIS A 129 -18.27 -13.67 -31.22
CA HIS A 129 -19.68 -13.87 -31.51
C HIS A 129 -20.36 -14.68 -30.41
N GLN A 130 -19.69 -15.71 -29.90
CA GLN A 130 -20.26 -16.50 -28.82
C GLN A 130 -20.47 -15.66 -27.56
N PHE A 131 -19.52 -14.78 -27.25
CA PHE A 131 -19.67 -13.92 -26.08
C PHE A 131 -20.91 -13.04 -26.20
N LEU A 132 -21.02 -12.32 -27.32
CA LEU A 132 -22.14 -11.40 -27.49
C LEU A 132 -23.47 -12.15 -27.50
N THR A 133 -23.50 -13.34 -28.08
CA THR A 133 -24.74 -14.11 -28.11
C THR A 133 -25.18 -14.53 -26.72
N LYS A 134 -24.23 -14.70 -25.80
CA LYS A 134 -24.53 -15.14 -24.44
C LYS A 134 -24.91 -13.97 -23.53
N HIS A 135 -24.12 -12.90 -23.56
CA HIS A 135 -24.27 -11.80 -22.60
C HIS A 135 -24.99 -10.58 -23.17
N HIS A 136 -25.15 -10.48 -24.48
CA HIS A 136 -25.80 -9.32 -25.08
C HIS A 136 -26.59 -9.74 -26.32
N LYS A 137 -27.42 -10.77 -26.19
CA LYS A 137 -28.11 -11.31 -27.35
C LYS A 137 -29.00 -10.27 -28.03
N ASP A 138 -29.70 -9.45 -27.24
CA ASP A 138 -30.67 -8.53 -27.80
C ASP A 138 -30.03 -7.45 -28.66
N VAL A 139 -28.72 -7.21 -28.51
CA VAL A 139 -28.07 -6.06 -29.15
C VAL A 139 -26.83 -6.51 -29.90
N ILE A 140 -26.78 -7.79 -30.30
CA ILE A 140 -25.57 -8.32 -30.91
C ILE A 140 -25.33 -7.71 -32.29
N GLN A 141 -26.38 -7.63 -33.12
CA GLN A 141 -26.23 -7.17 -34.49
C GLN A 141 -26.55 -5.68 -34.67
N ASP A 142 -27.16 -5.04 -33.68
CA ASP A 142 -27.59 -3.65 -33.77
C ASP A 142 -26.64 -2.68 -33.08
N TYR A 143 -26.13 -3.03 -31.90
CA TYR A 143 -25.34 -2.09 -31.12
C TYR A 143 -24.10 -1.66 -31.91
N LYS A 144 -23.62 -0.46 -31.61
CA LYS A 144 -22.41 0.09 -32.24
C LYS A 144 -21.25 -0.11 -31.27
N TRP A 145 -20.71 -1.33 -31.26
CA TRP A 145 -19.66 -1.68 -30.32
C TRP A 145 -18.33 -1.07 -30.72
N LYS A 146 -17.62 -0.52 -29.74
CA LYS A 146 -16.22 -0.15 -29.89
C LYS A 146 -15.38 -1.15 -29.10
N MET A 147 -14.36 -1.70 -29.73
CA MET A 147 -13.54 -2.74 -29.14
C MET A 147 -12.08 -2.30 -29.08
N GLY A 148 -11.42 -2.65 -27.98
CA GLY A 148 -9.98 -2.51 -27.85
C GLY A 148 -9.32 -3.88 -27.89
N PHE A 149 -8.32 -4.01 -28.76
CA PHE A 149 -7.66 -5.28 -29.03
C PHE A 149 -6.32 -5.28 -28.29
N THR A 150 -6.23 -6.09 -27.24
CA THR A 150 -4.98 -6.23 -26.49
C THR A 150 -4.13 -7.31 -27.15
N PHE A 151 -2.96 -6.91 -27.65
CA PHE A 151 -2.09 -7.79 -28.44
C PHE A 151 -0.67 -7.57 -27.93
N SER A 152 -0.29 -8.32 -26.90
CA SER A 152 0.98 -8.10 -26.19
C SER A 152 2.10 -8.86 -26.89
N TYR A 153 2.39 -8.43 -28.10
CA TYR A 153 3.43 -9.01 -28.94
C TYR A 153 4.15 -7.89 -29.66
N PRO A 154 5.38 -8.10 -30.10
CA PRO A 154 6.11 -7.04 -30.81
C PRO A 154 5.31 -6.58 -32.02
N VAL A 155 5.00 -5.28 -32.05
CA VAL A 155 4.12 -4.71 -33.07
C VAL A 155 4.65 -3.34 -33.46
N ASP A 156 4.85 -3.13 -34.77
CA ASP A 156 5.26 -1.84 -35.31
C ASP A 156 4.02 -0.94 -35.41
N GLN A 157 3.68 -0.29 -34.30
CA GLN A 157 2.47 0.52 -34.24
C GLN A 157 2.67 1.83 -34.97
N THR A 158 1.73 2.15 -35.87
CA THR A 158 1.77 3.38 -36.65
C THR A 158 0.60 4.31 -36.36
N SER A 159 -0.44 3.83 -35.68
CA SER A 159 -1.54 4.68 -35.21
C SER A 159 -2.22 3.95 -34.07
N LEU A 160 -3.28 4.54 -33.54
CA LEU A 160 -4.00 3.90 -32.45
C LEU A 160 -4.66 2.61 -32.90
N SER A 161 -4.97 2.48 -34.19
CA SER A 161 -5.75 1.36 -34.70
C SER A 161 -5.01 0.53 -35.75
N SER A 162 -3.70 0.72 -35.90
CA SER A 162 -2.96 0.02 -36.95
C SER A 162 -1.56 -0.30 -36.46
N GLY A 163 -1.17 -1.56 -36.65
CA GLY A 163 0.16 -2.01 -36.28
C GLY A 163 0.43 -3.39 -36.83
N LYS A 164 1.64 -3.61 -37.33
CA LYS A 164 2.01 -4.86 -37.98
C LYS A 164 2.85 -5.73 -37.02
N LEU A 165 2.54 -7.02 -37.01
CA LEU A 165 3.29 -7.95 -36.18
C LEU A 165 4.75 -8.00 -36.63
N ILE A 166 5.66 -7.85 -35.69
CA ILE A 166 7.09 -7.93 -35.98
C ILE A 166 7.60 -9.36 -35.81
N ARG A 167 7.20 -10.03 -34.74
CA ARG A 167 7.70 -11.36 -34.42
C ARG A 167 6.75 -12.02 -33.42
N TRP A 168 6.36 -13.27 -33.70
CA TRP A 168 5.57 -14.03 -32.75
C TRP A 168 6.39 -14.45 -31.54
N THR A 169 5.86 -14.19 -30.35
CA THR A 169 6.41 -14.63 -29.09
C THR A 169 5.44 -15.61 -28.46
N LYS A 170 5.75 -16.06 -27.24
CA LYS A 170 4.89 -16.93 -26.46
C LYS A 170 4.62 -18.28 -27.13
N GLY A 171 5.43 -18.66 -28.12
CA GLY A 171 5.28 -19.94 -28.78
C GLY A 171 4.32 -20.02 -29.94
N PHE A 172 3.80 -18.89 -30.44
CA PHE A 172 2.89 -18.96 -31.58
C PHE A 172 3.66 -19.33 -32.85
N LYS A 173 2.95 -19.96 -33.78
CA LYS A 173 3.56 -20.49 -34.99
C LYS A 173 2.69 -20.19 -36.21
N ILE A 174 2.20 -18.96 -36.33
CA ILE A 174 1.42 -18.53 -37.48
C ILE A 174 2.31 -17.62 -38.32
N GLY A 175 2.89 -18.20 -39.38
CA GLY A 175 3.94 -17.48 -40.10
C GLY A 175 3.44 -16.28 -40.87
N ASP A 176 2.28 -16.42 -41.51
CA ASP A 176 1.77 -15.39 -42.41
C ASP A 176 1.16 -14.19 -41.69
N THR A 177 1.27 -14.13 -40.36
CA THR A 177 0.81 -12.95 -39.63
C THR A 177 1.88 -11.86 -39.57
N VAL A 178 3.16 -12.25 -39.64
CA VAL A 178 4.24 -11.28 -39.58
C VAL A 178 4.13 -10.33 -40.76
N GLY A 179 4.25 -9.03 -40.47
CA GLY A 179 4.20 -8.01 -41.49
C GLY A 179 2.80 -7.53 -41.84
N GLN A 180 1.76 -8.08 -41.22
CA GLN A 180 0.39 -7.71 -41.52
C GLN A 180 -0.24 -6.94 -40.36
N ASP A 181 -1.09 -5.98 -40.69
CA ASP A 181 -1.83 -5.23 -39.68
C ASP A 181 -2.80 -6.18 -39.00
N VAL A 182 -2.59 -6.42 -37.70
CA VAL A 182 -3.44 -7.37 -36.99
C VAL A 182 -4.83 -6.81 -36.76
N VAL A 183 -4.99 -5.48 -36.76
CA VAL A 183 -6.30 -4.89 -36.59
C VAL A 183 -7.16 -5.14 -37.83
N GLN A 184 -6.56 -5.10 -39.01
CA GLN A 184 -7.30 -5.44 -40.23
C GLN A 184 -7.61 -6.93 -40.28
N LEU A 185 -6.64 -7.77 -39.92
CA LEU A 185 -6.88 -9.21 -39.93
C LEU A 185 -8.04 -9.57 -39.01
N PHE A 186 -8.11 -8.94 -37.83
CA PHE A 186 -9.19 -9.22 -36.90
C PHE A 186 -10.50 -8.60 -37.40
N GLN A 187 -10.45 -7.37 -37.89
CA GLN A 187 -11.66 -6.70 -38.34
C GLN A 187 -12.30 -7.41 -39.51
N GLN A 188 -11.49 -7.93 -40.45
CA GLN A 188 -12.05 -8.59 -41.62
C GLN A 188 -12.80 -9.85 -41.21
N GLU A 189 -12.27 -10.61 -40.25
CA GLU A 189 -12.96 -11.80 -39.77
C GLU A 189 -14.20 -11.43 -38.97
N LEU A 190 -14.13 -10.34 -38.19
CA LEU A 190 -15.33 -9.87 -37.49
C LEU A 190 -16.43 -9.50 -38.48
N ASN A 191 -16.06 -8.86 -39.59
CA ASN A 191 -17.06 -8.54 -40.62
C ASN A 191 -17.62 -9.81 -41.24
N ASP A 192 -16.76 -10.80 -41.52
CA ASP A 192 -17.17 -11.97 -42.28
C ASP A 192 -18.13 -12.89 -41.53
N ILE A 193 -18.25 -12.75 -40.21
CA ILE A 193 -19.14 -13.60 -39.44
C ILE A 193 -20.37 -12.84 -38.97
N GLY A 194 -20.66 -11.70 -39.58
CA GLY A 194 -21.85 -10.94 -39.26
C GLY A 194 -21.72 -9.96 -38.12
N LEU A 195 -20.50 -9.68 -37.66
CA LEU A 195 -20.25 -8.71 -36.59
C LEU A 195 -19.56 -7.47 -37.16
N SER A 196 -19.98 -7.03 -38.35
CA SER A 196 -19.43 -5.82 -38.94
C SER A 196 -19.70 -4.58 -38.08
N ASN A 197 -20.68 -4.65 -37.19
CA ASN A 197 -20.96 -3.54 -36.27
C ASN A 197 -19.99 -3.49 -35.10
N VAL A 198 -19.04 -4.41 -35.02
CA VAL A 198 -17.99 -4.38 -34.01
C VAL A 198 -16.75 -3.80 -34.65
N HIS A 199 -16.42 -2.55 -34.33
CA HIS A 199 -15.28 -1.85 -34.91
C HIS A 199 -14.11 -1.92 -33.93
N VAL A 200 -13.00 -2.49 -34.38
CA VAL A 200 -11.76 -2.53 -33.60
C VAL A 200 -11.07 -1.18 -33.78
N VAL A 201 -11.17 -0.33 -32.76
CA VAL A 201 -10.72 1.06 -32.86
C VAL A 201 -9.42 1.31 -32.12
N ALA A 202 -8.86 0.30 -31.47
CA ALA A 202 -7.64 0.50 -30.69
C ALA A 202 -6.84 -0.80 -30.62
N LEU A 203 -5.54 -0.68 -30.83
CA LEU A 203 -4.58 -1.76 -30.63
C LEU A 203 -3.72 -1.38 -29.44
N THR A 204 -3.74 -2.21 -28.40
CA THR A 204 -3.10 -1.85 -27.15
C THR A 204 -2.27 -3.01 -26.61
N ASN A 205 -1.36 -2.67 -25.70
CA ASN A 205 -0.51 -3.60 -24.99
C ASN A 205 -1.05 -3.83 -23.58
N ASP A 206 -0.64 -4.93 -22.97
CA ASP A 206 -1.02 -5.17 -21.58
C ASP A 206 -0.34 -4.16 -20.65
N THR A 207 0.83 -3.65 -21.03
CA THR A 207 1.48 -2.62 -20.23
C THR A 207 0.69 -1.32 -20.27
N THR A 208 0.32 -0.86 -21.47
CA THR A 208 -0.48 0.34 -21.61
C THR A 208 -1.78 0.20 -20.79
N GLY A 209 -2.44 -0.94 -20.92
CA GLY A 209 -3.68 -1.14 -20.20
C GLY A 209 -3.50 -1.11 -18.69
N THR A 210 -2.39 -1.65 -18.20
CA THR A 210 -2.15 -1.62 -16.76
C THR A 210 -2.04 -0.19 -16.24
N LEU A 211 -1.37 0.68 -16.99
CA LEU A 211 -1.26 2.08 -16.57
C LEU A 211 -2.61 2.76 -16.59
N LEU A 212 -3.36 2.62 -17.69
CA LEU A 212 -4.66 3.25 -17.77
C LEU A 212 -5.62 2.71 -16.72
N ALA A 213 -5.57 1.40 -16.48
CA ALA A 213 -6.46 0.81 -15.48
C ALA A 213 -6.18 1.37 -14.09
N ARG A 214 -4.92 1.66 -13.80
CA ARG A 214 -4.57 2.22 -12.50
C ARG A 214 -4.99 3.68 -12.41
N CYS A 215 -4.92 4.41 -13.51
CA CYS A 215 -5.37 5.79 -13.53
C CYS A 215 -6.88 5.90 -13.30
N TYR A 216 -7.65 4.91 -13.76
CA TYR A 216 -9.11 4.98 -13.60
C TYR A 216 -9.55 4.52 -12.22
N ALA A 217 -8.85 3.56 -11.62
CA ALA A 217 -9.20 3.10 -10.29
C ALA A 217 -8.52 3.88 -9.18
N SER A 218 -7.41 4.55 -9.48
CA SER A 218 -6.75 5.38 -8.48
C SER A 218 -7.69 6.50 -8.03
N SER A 219 -8.02 6.49 -6.74
CA SER A 219 -8.98 7.45 -6.21
C SER A 219 -8.53 8.87 -6.50
N ASP A 220 -9.49 9.79 -6.44
CA ASP A 220 -9.16 11.21 -6.61
C ASP A 220 -8.34 11.72 -5.44
N ALA A 221 -8.67 11.30 -4.22
CA ALA A 221 -7.85 11.64 -3.07
C ALA A 221 -6.48 10.99 -3.15
N ALA A 222 -6.42 9.73 -3.56
CA ALA A 222 -5.14 9.08 -3.76
C ALA A 222 -4.34 9.78 -4.85
N ARG A 223 -4.97 10.02 -6.01
CA ARG A 223 -4.29 10.67 -7.13
C ARG A 223 -3.93 12.11 -6.84
N ALA A 224 -4.41 12.69 -5.73
CA ALA A 224 -4.04 14.07 -5.39
C ALA A 224 -2.53 14.23 -5.30
N ILE A 225 -1.88 13.37 -4.52
CA ILE A 225 -0.43 13.40 -4.39
C ILE A 225 0.23 12.26 -5.18
N ASN A 226 -0.45 11.13 -5.32
CA ASN A 226 0.05 10.02 -6.13
C ASN A 226 -0.29 10.26 -7.60
N GLU A 227 0.61 9.81 -8.48
CA GLU A 227 0.40 9.91 -9.92
C GLU A 227 0.95 8.66 -10.60
N PRO A 228 0.11 7.86 -11.25
CA PRO A 228 0.62 6.71 -11.99
C PRO A 228 1.47 7.15 -13.17
N VAL A 229 2.70 6.65 -13.22
CA VAL A 229 3.65 7.05 -14.26
C VAL A 229 4.15 5.87 -15.09
N ILE A 230 3.99 4.64 -14.62
CA ILE A 230 4.49 3.47 -15.33
C ILE A 230 3.47 2.36 -15.23
N GLY A 231 3.30 1.62 -16.32
CA GLY A 231 2.55 0.38 -16.32
C GLY A 231 3.45 -0.73 -16.83
N CYS A 232 3.73 -1.72 -15.98
CA CYS A 232 4.69 -2.75 -16.29
C CYS A 232 4.16 -4.12 -15.92
N ILE A 233 4.75 -5.15 -16.53
CA ILE A 233 4.43 -6.54 -16.28
C ILE A 233 5.70 -7.26 -15.83
N PHE A 234 5.57 -8.11 -14.80
CA PHE A 234 6.66 -8.95 -14.31
C PHE A 234 6.07 -10.34 -14.05
N GLY A 235 5.89 -11.11 -15.12
CA GLY A 235 5.38 -12.46 -15.01
C GLY A 235 6.26 -13.43 -15.77
N THR A 236 5.66 -14.27 -16.61
CA THR A 236 6.47 -15.11 -17.50
C THR A 236 7.23 -14.27 -18.51
N GLY A 237 6.75 -13.06 -18.79
CA GLY A 237 7.49 -12.08 -19.56
C GLY A 237 7.57 -10.77 -18.81
N THR A 238 8.28 -9.81 -19.41
CA THR A 238 8.43 -8.50 -18.80
C THR A 238 8.39 -7.42 -19.86
N ASN A 239 7.87 -6.25 -19.46
CA ASN A 239 7.70 -5.11 -20.34
C ASN A 239 7.16 -3.95 -19.50
N GLY A 240 7.28 -2.74 -20.04
CA GLY A 240 6.76 -1.58 -19.34
C GLY A 240 6.53 -0.42 -20.29
N CYS A 241 5.75 0.54 -19.80
CA CYS A 241 5.40 1.72 -20.58
C CYS A 241 5.40 2.94 -19.67
N TYR A 242 5.56 4.10 -20.29
CA TYR A 242 5.62 5.37 -19.57
C TYR A 242 5.18 6.48 -20.52
N MET A 243 4.99 7.67 -19.96
CA MET A 243 4.57 8.84 -20.73
C MET A 243 5.81 9.65 -21.09
N GLU A 244 6.04 9.82 -22.39
CA GLU A 244 7.17 10.59 -22.90
C GLU A 244 6.65 11.89 -23.53
N LYS A 245 7.43 12.96 -23.38
CA LYS A 245 7.09 14.23 -24.01
C LYS A 245 7.06 14.06 -25.53
N LEU A 246 6.07 14.69 -26.17
CA LEU A 246 5.93 14.57 -27.61
C LEU A 246 7.17 15.07 -28.34
N GLU A 247 7.82 16.11 -27.80
CA GLU A 247 9.01 16.65 -28.46
C GLU A 247 10.13 15.63 -28.54
N ASN A 248 10.19 14.70 -27.58
CA ASN A 248 11.27 13.73 -27.56
C ASN A 248 11.03 12.53 -28.47
N ILE A 249 9.81 12.33 -28.96
CA ILE A 249 9.50 11.19 -29.82
C ILE A 249 9.82 11.63 -31.24
N HIS A 250 11.11 11.57 -31.58
CA HIS A 250 11.57 12.07 -32.87
C HIS A 250 11.16 11.16 -34.01
N LYS A 251 10.99 9.86 -33.74
CA LYS A 251 10.56 8.91 -34.75
C LYS A 251 9.13 9.14 -35.20
N LEU A 252 8.38 9.99 -34.51
CA LEU A 252 7.01 10.30 -34.90
C LEU A 252 7.03 11.35 -36.00
N ASP A 253 6.11 11.23 -36.95
CA ASP A 253 6.03 12.19 -38.05
C ASP A 253 5.91 13.60 -37.49
N PRO A 254 6.87 14.49 -37.77
CA PRO A 254 6.81 15.85 -37.17
C PRO A 254 5.50 16.57 -37.43
N ALA A 255 4.84 16.29 -38.56
CA ALA A 255 3.53 16.90 -38.79
C ALA A 255 2.49 16.34 -37.82
N SER A 256 2.54 15.04 -37.56
CA SER A 256 1.62 14.45 -36.58
C SER A 256 1.86 15.01 -35.19
N ARG A 257 3.12 15.29 -34.86
CA ARG A 257 3.44 15.88 -33.55
C ARG A 257 2.74 17.21 -33.37
N GLU A 258 2.80 18.07 -34.39
CA GLU A 258 2.17 19.38 -34.28
C GLU A 258 0.65 19.25 -34.17
N GLU A 259 0.07 18.29 -34.89
CA GLU A 259 -1.37 18.08 -34.79
C GLU A 259 -1.78 17.78 -33.35
N LEU A 260 -1.01 16.95 -32.65
CA LEU A 260 -1.34 16.62 -31.27
C LEU A 260 -1.04 17.80 -30.34
N LEU A 261 0.09 18.49 -30.56
CA LEU A 261 0.44 19.61 -29.71
C LEU A 261 -0.64 20.70 -29.74
N SER A 262 -1.21 20.95 -30.93
CA SER A 262 -2.25 21.98 -31.04
C SER A 262 -3.54 21.54 -30.37
N GLN A 263 -3.80 20.23 -30.29
CA GLN A 263 -4.99 19.71 -29.63
C GLN A 263 -4.85 19.65 -28.12
N GLY A 264 -3.77 20.20 -27.56
CA GLY A 264 -3.58 20.22 -26.13
C GLY A 264 -2.81 19.05 -25.56
N LYS A 265 -2.34 18.13 -26.40
CA LYS A 265 -1.59 16.98 -25.92
C LYS A 265 -0.14 17.37 -25.65
N THR A 266 0.46 16.71 -24.66
CA THR A 266 1.86 16.93 -24.31
C THR A 266 2.68 15.66 -24.20
N HIS A 267 2.06 14.50 -24.00
CA HIS A 267 2.80 13.25 -23.87
C HIS A 267 2.08 12.15 -24.64
N MET A 268 2.83 11.10 -24.97
CA MET A 268 2.29 9.89 -25.56
C MET A 268 2.91 8.70 -24.85
N CYS A 269 2.08 7.71 -24.52
CA CYS A 269 2.59 6.52 -23.88
C CYS A 269 3.49 5.76 -24.84
N ILE A 270 4.61 5.28 -24.32
CA ILE A 270 5.62 4.57 -25.12
C ILE A 270 5.71 3.14 -24.59
N ASN A 271 5.56 2.18 -25.50
CA ASN A 271 5.75 0.76 -25.19
C ASN A 271 7.24 0.47 -25.36
N THR A 272 7.97 0.43 -24.24
CA THR A 272 9.42 0.29 -24.32
C THR A 272 9.83 -1.07 -24.87
N GLU A 273 9.05 -2.11 -24.58
CA GLU A 273 9.43 -3.47 -24.92
C GLU A 273 10.83 -3.78 -24.35
N TRP A 274 10.98 -3.50 -23.06
CA TRP A 274 12.28 -3.59 -22.42
C TRP A 274 12.74 -5.03 -22.18
N GLY A 275 11.92 -6.02 -22.55
CA GLY A 275 12.39 -7.39 -22.50
C GLY A 275 13.58 -7.65 -23.41
N SER A 276 13.73 -6.83 -24.45
CA SER A 276 14.86 -6.91 -25.37
C SER A 276 15.96 -5.91 -25.03
N PHE A 277 15.99 -5.45 -23.78
CA PHE A 277 17.04 -4.52 -23.34
C PHE A 277 18.41 -5.16 -23.44
N ASP A 278 19.35 -4.43 -24.02
CA ASP A 278 20.76 -4.84 -24.12
C ASP A 278 20.89 -6.30 -24.57
N ASN A 279 20.34 -6.59 -25.75
CA ASN A 279 20.46 -7.94 -26.29
C ASN A 279 21.87 -8.27 -26.76
N GLU A 280 22.72 -7.25 -26.94
CA GLU A 280 24.12 -7.50 -27.25
C GLU A 280 24.93 -7.88 -26.01
N LEU A 281 24.32 -7.83 -24.83
CA LEU A 281 24.99 -8.18 -23.58
C LEU A 281 26.27 -7.36 -23.39
N ASN A 282 26.20 -6.06 -23.71
CA ASN A 282 27.33 -5.18 -23.48
C ASN A 282 27.54 -4.91 -21.99
N HIS A 283 26.47 -4.98 -21.20
CA HIS A 283 26.57 -4.71 -19.77
C HIS A 283 25.74 -5.62 -18.89
N LEU A 284 24.74 -6.32 -19.43
CA LEU A 284 23.94 -7.22 -18.61
C LEU A 284 24.78 -8.39 -18.11
N PRO A 285 24.49 -8.91 -16.91
CA PRO A 285 25.17 -10.12 -16.45
C PRO A 285 24.84 -11.31 -17.34
N THR A 286 25.74 -12.30 -17.32
CA THR A 286 25.57 -13.50 -18.13
C THR A 286 26.35 -14.62 -17.49
N THR A 287 25.65 -15.67 -17.06
CA THR A 287 26.26 -16.88 -16.54
C THR A 287 26.13 -18.00 -17.56
N SER A 288 26.90 -19.08 -17.33
CA SER A 288 26.77 -20.26 -18.15
C SER A 288 25.32 -20.73 -18.21
N TYR A 289 24.60 -20.60 -17.10
CA TYR A 289 23.22 -21.06 -17.05
C TYR A 289 22.31 -20.19 -17.90
N ASP A 290 22.60 -18.88 -17.97
CA ASP A 290 21.83 -17.99 -18.83
C ASP A 290 22.04 -18.31 -20.30
N ILE A 291 23.27 -18.65 -20.67
CA ILE A 291 23.56 -18.97 -22.07
C ILE A 291 22.91 -20.30 -22.46
N LYS A 292 22.97 -21.28 -21.57
CA LYS A 292 22.39 -22.58 -21.87
C LYS A 292 20.87 -22.47 -22.02
N ILE A 293 20.24 -21.64 -21.19
CA ILE A 293 18.80 -21.47 -21.27
C ILE A 293 18.42 -20.75 -22.56
N ASP A 294 19.21 -19.77 -22.98
CA ASP A 294 18.89 -19.01 -24.18
C ASP A 294 19.02 -19.86 -25.44
N GLN A 295 20.11 -20.61 -25.57
CA GLN A 295 20.42 -21.30 -26.81
C GLN A 295 19.81 -22.69 -26.91
N GLN A 296 19.29 -23.24 -25.82
CA GLN A 296 18.81 -24.63 -25.84
C GLN A 296 17.37 -24.79 -25.39
N PHE A 297 16.83 -23.89 -24.56
CA PHE A 297 15.51 -24.09 -23.99
C PHE A 297 14.58 -22.89 -24.23
N SER A 298 14.93 -22.03 -25.18
CA SER A 298 14.13 -20.85 -25.51
C SER A 298 13.50 -21.03 -26.88
N THR A 299 12.22 -20.69 -26.99
CA THR A 299 11.54 -20.77 -28.28
C THR A 299 12.09 -19.76 -29.29
N ASN A 300 12.73 -18.68 -28.83
CA ASN A 300 13.32 -17.67 -29.71
C ASN A 300 14.73 -17.37 -29.20
N PRO A 301 15.68 -18.26 -29.46
CA PRO A 301 17.07 -18.02 -29.00
C PRO A 301 17.64 -16.73 -29.58
N GLY A 302 18.26 -15.93 -28.72
CA GLY A 302 18.88 -14.69 -29.09
C GLY A 302 18.04 -13.46 -28.83
N PHE A 303 16.75 -13.63 -28.59
CA PHE A 303 15.83 -12.51 -28.36
C PHE A 303 15.46 -12.42 -26.89
N HIS A 304 15.07 -11.22 -26.47
CA HIS A 304 14.55 -10.96 -25.13
C HIS A 304 15.47 -11.56 -24.07
N LEU A 305 16.75 -11.17 -24.13
CA LEU A 305 17.71 -11.70 -23.16
C LEU A 305 17.51 -11.08 -21.78
N PHE A 306 17.21 -9.78 -21.73
CA PHE A 306 16.86 -9.18 -20.44
C PHE A 306 15.67 -9.88 -19.81
N GLU A 307 14.64 -10.18 -20.62
CA GLU A 307 13.49 -10.91 -20.12
C GLU A 307 13.91 -12.24 -19.49
N LYS A 308 14.86 -12.93 -20.13
CA LYS A 308 15.29 -14.24 -19.68
C LYS A 308 16.05 -14.20 -18.37
N ARG A 309 16.40 -13.02 -17.86
CA ARG A 309 17.08 -12.88 -16.59
C ARG A 309 16.16 -12.46 -15.45
N VAL A 310 14.94 -12.04 -15.76
CA VAL A 310 13.98 -11.63 -14.73
C VAL A 310 12.68 -12.43 -14.77
N SER A 311 12.34 -13.05 -15.91
CA SER A 311 11.04 -13.67 -16.06
C SER A 311 10.89 -14.90 -15.16
N GLY A 312 9.65 -15.14 -14.74
CA GLY A 312 9.33 -16.28 -13.91
C GLY A 312 9.27 -17.60 -14.65
N LEU A 313 9.43 -17.56 -15.96
CA LEU A 313 9.47 -18.80 -16.75
C LEU A 313 10.82 -19.50 -16.61
N TYR A 314 11.89 -18.75 -16.38
CA TYR A 314 13.24 -19.28 -16.41
C TYR A 314 13.90 -19.38 -15.05
N LEU A 315 13.35 -18.76 -14.00
CA LEU A 315 14.00 -18.77 -12.70
C LEU A 315 14.20 -20.20 -12.20
N GLY A 316 13.15 -21.01 -12.23
CA GLY A 316 13.29 -22.40 -11.82
C GLY A 316 14.22 -23.19 -12.71
N GLU A 317 14.23 -22.88 -14.00
CA GLU A 317 15.13 -23.58 -14.92
C GLU A 317 16.58 -23.25 -14.62
N ILE A 318 16.85 -22.01 -14.20
CA ILE A 318 18.21 -21.66 -13.82
C ILE A 318 18.69 -22.56 -12.69
N LEU A 319 17.83 -22.82 -11.70
CA LEU A 319 18.22 -23.72 -10.63
C LEU A 319 18.48 -25.13 -11.15
N ARG A 320 17.63 -25.62 -12.05
CA ARG A 320 17.80 -26.97 -12.58
C ARG A 320 19.18 -27.13 -13.21
N ASN A 321 19.59 -26.17 -14.04
CA ASN A 321 20.90 -26.27 -14.67
C ASN A 321 22.04 -26.10 -13.67
N ILE A 322 21.80 -25.39 -12.57
CA ILE A 322 22.83 -25.27 -11.54
C ILE A 322 23.03 -26.61 -10.83
N LEU A 323 21.94 -27.32 -10.56
CA LEU A 323 22.05 -28.61 -9.90
C LEU A 323 22.58 -29.69 -10.85
N LEU A 324 22.24 -29.60 -12.13
CA LEU A 324 22.83 -30.52 -13.10
C LEU A 324 24.34 -30.29 -13.20
N ASP A 325 24.76 -29.02 -13.23
CA ASP A 325 26.18 -28.72 -13.27
C ASP A 325 26.88 -29.16 -11.98
N LEU A 326 26.18 -29.07 -10.84
CA LEU A 326 26.76 -29.56 -9.60
C LEU A 326 26.84 -31.08 -9.58
N GLU A 327 25.96 -31.75 -10.32
CA GLU A 327 26.03 -33.21 -10.40
C GLU A 327 27.16 -33.68 -11.32
N LYS A 328 27.45 -32.92 -12.38
CA LYS A 328 28.58 -33.25 -13.23
C LYS A 328 29.89 -33.17 -12.46
N GLN A 329 29.98 -32.21 -11.54
CA GLN A 329 31.14 -32.09 -10.67
C GLN A 329 31.13 -33.10 -9.54
N GLU A 330 30.13 -33.98 -9.48
CA GLU A 330 30.03 -35.01 -8.46
C GLU A 330 29.94 -34.41 -7.07
N LEU A 331 29.37 -33.21 -6.97
CA LEU A 331 29.17 -32.54 -5.70
C LEU A 331 27.74 -32.66 -5.18
N PHE A 332 26.78 -32.97 -6.05
CA PHE A 332 25.39 -33.08 -5.65
C PHE A 332 24.82 -34.37 -6.25
N ASP A 333 24.15 -35.15 -5.40
CA ASP A 333 23.59 -36.45 -5.78
C ASP A 333 22.11 -36.29 -6.06
N LEU A 334 21.71 -36.48 -7.32
CA LEU A 334 20.30 -36.36 -7.65
C LEU A 334 19.47 -37.54 -7.14
N LYS A 335 20.12 -38.66 -6.82
CA LYS A 335 19.49 -39.80 -6.16
C LYS A 335 18.14 -40.15 -6.79
N GLU A 336 18.19 -40.51 -8.07
CA GLU A 336 17.02 -40.98 -8.82
C GLU A 336 15.91 -39.92 -8.89
N SER A 337 16.30 -38.71 -9.27
CA SER A 337 15.35 -37.63 -9.49
C SER A 337 14.89 -37.67 -10.95
N VAL A 338 14.13 -36.66 -11.38
CA VAL A 338 13.66 -36.58 -12.76
C VAL A 338 13.99 -35.19 -13.30
N LEU A 339 15.05 -34.58 -12.76
CA LEU A 339 15.50 -33.28 -13.26
C LEU A 339 16.21 -33.38 -14.60
N LYS A 340 16.76 -34.56 -14.93
CA LYS A 340 17.55 -34.72 -16.13
C LYS A 340 16.65 -34.87 -17.35
N ASN A 341 16.89 -34.05 -18.38
CA ASN A 341 16.18 -34.13 -19.65
C ASN A 341 14.71 -33.73 -19.52
N ASN A 342 14.40 -32.86 -18.54
CA ASN A 342 13.05 -32.35 -18.34
C ASN A 342 13.11 -30.84 -18.16
N PRO A 343 13.34 -30.09 -19.24
CA PRO A 343 13.41 -28.63 -19.11
C PRO A 343 12.17 -28.07 -18.46
N PHE A 344 12.35 -27.01 -17.69
CA PHE A 344 11.29 -26.25 -17.04
C PHE A 344 10.51 -27.07 -16.01
N ILE A 345 11.01 -28.24 -15.62
CA ILE A 345 10.30 -29.02 -14.61
C ILE A 345 10.31 -28.31 -13.27
N LEU A 346 11.34 -27.54 -12.98
CA LEU A 346 11.39 -26.70 -11.78
C LEU A 346 10.86 -25.32 -12.16
N THR A 347 9.72 -24.94 -11.60
CA THR A 347 9.04 -23.70 -11.93
C THR A 347 9.27 -22.65 -10.84
N THR A 348 9.00 -21.39 -11.19
CA THR A 348 9.12 -20.32 -10.22
C THR A 348 8.18 -20.54 -9.03
N GLU A 349 7.06 -21.24 -9.24
CA GLU A 349 6.21 -21.60 -8.13
C GLU A 349 6.94 -22.51 -7.14
N THR A 350 7.70 -23.47 -7.65
CA THR A 350 8.50 -24.32 -6.77
C THR A 350 9.41 -23.48 -5.88
N LEU A 351 10.06 -22.48 -6.46
CA LEU A 351 10.97 -21.62 -5.70
C LEU A 351 10.23 -20.77 -4.68
N SER A 352 8.93 -20.51 -4.88
CA SER A 352 8.19 -19.71 -3.91
C SER A 352 8.18 -20.36 -2.54
N HIS A 353 8.10 -21.70 -2.51
CA HIS A 353 8.08 -22.43 -1.25
C HIS A 353 9.47 -22.54 -0.61
N ILE A 354 10.52 -22.16 -1.31
CA ILE A 354 11.88 -22.28 -0.81
C ILE A 354 12.38 -20.93 -0.34
N GLU A 355 11.91 -19.86 -0.98
CA GLU A 355 12.43 -18.51 -0.71
C GLU A 355 12.34 -18.17 0.77
N ILE A 356 11.15 -18.30 1.36
CA ILE A 356 10.91 -17.89 2.74
C ILE A 356 10.79 -19.11 3.66
N ASP A 357 11.08 -20.31 3.18
CA ASP A 357 11.06 -21.48 4.04
C ASP A 357 11.98 -21.27 5.24
N THR A 358 11.50 -21.68 6.41
CA THR A 358 12.22 -21.45 7.66
C THR A 358 13.12 -22.63 8.00
N VAL A 359 14.33 -22.32 8.46
CA VAL A 359 15.27 -23.38 8.80
C VAL A 359 14.88 -24.05 10.11
N GLU A 360 14.14 -23.35 10.99
CA GLU A 360 13.68 -23.96 12.23
C GLU A 360 12.68 -25.08 11.97
N ASN A 361 12.13 -25.16 10.77
CA ASN A 361 11.25 -26.26 10.37
C ASN A 361 12.00 -27.32 9.57
N ASP A 362 13.34 -27.34 9.66
CA ASP A 362 14.17 -28.27 8.89
C ASP A 362 13.84 -28.20 7.40
N LEU A 363 13.38 -27.02 6.96
CA LEU A 363 13.08 -26.76 5.56
C LEU A 363 12.18 -27.86 4.98
N GLN A 364 11.04 -28.06 5.64
CA GLN A 364 10.08 -29.06 5.17
C GLN A 364 9.44 -28.62 3.86
N ASP A 365 9.01 -27.35 3.78
CA ASP A 365 8.40 -26.86 2.56
C ASP A 365 9.34 -27.04 1.37
N THR A 366 10.64 -26.80 1.57
CA THR A 366 11.61 -27.03 0.51
C THR A 366 11.69 -28.51 0.16
N ARG A 367 11.81 -29.37 1.16
CA ARG A 367 11.82 -30.81 0.93
C ARG A 367 10.59 -31.24 0.15
N ASP A 368 9.41 -30.80 0.59
CA ASP A 368 8.17 -31.22 -0.06
C ASP A 368 8.05 -30.64 -1.47
N ALA A 369 8.46 -29.37 -1.64
CA ALA A 369 8.33 -28.75 -2.95
C ALA A 369 9.18 -29.44 -3.99
N LEU A 370 10.34 -29.98 -3.60
CA LEU A 370 11.23 -30.64 -4.54
C LEU A 370 10.79 -32.06 -4.85
N LEU A 371 10.20 -32.75 -3.88
CA LEU A 371 9.67 -34.09 -4.13
C LEU A 371 8.47 -34.03 -5.08
N LYS A 372 7.60 -33.04 -4.90
CA LYS A 372 6.43 -32.93 -5.76
C LYS A 372 6.80 -32.60 -7.19
N ALA A 373 7.86 -31.83 -7.40
CA ALA A 373 8.18 -31.35 -8.75
C ALA A 373 8.98 -32.36 -9.54
N ALA A 374 9.95 -33.04 -8.90
CA ALA A 374 10.79 -33.98 -9.64
C ALA A 374 11.29 -35.14 -8.79
N ASP A 375 10.60 -35.49 -7.71
CA ASP A 375 11.01 -36.60 -6.83
C ASP A 375 12.48 -36.46 -6.44
N LEU A 376 12.92 -35.23 -6.23
CA LEU A 376 14.30 -34.97 -5.80
C LEU A 376 14.32 -35.08 -4.29
N GLU A 377 14.84 -36.20 -3.77
CA GLU A 377 15.05 -36.34 -2.35
C GLU A 377 16.26 -35.49 -1.93
N THR A 378 16.19 -34.96 -0.72
CA THR A 378 17.19 -34.00 -0.26
C THR A 378 17.51 -34.24 1.21
N THR A 379 18.72 -33.85 1.60
CA THR A 379 19.12 -33.77 2.99
C THR A 379 18.93 -32.33 3.48
N PHE A 380 18.93 -32.16 4.80
CA PHE A 380 18.73 -30.83 5.35
C PHE A 380 19.85 -29.89 4.92
N GLU A 381 21.10 -30.35 4.98
CA GLU A 381 22.22 -29.52 4.58
C GLU A 381 22.16 -29.19 3.10
N GLU A 382 21.67 -30.12 2.27
CA GLU A 382 21.50 -29.82 0.86
C GLU A 382 20.41 -28.78 0.65
N ARG A 383 19.34 -28.85 1.43
CA ARG A 383 18.25 -27.89 1.27
C ARG A 383 18.69 -26.49 1.69
N VAL A 384 19.49 -26.39 2.75
CA VAL A 384 20.04 -25.10 3.15
C VAL A 384 20.76 -24.45 1.97
N LEU A 385 21.57 -25.23 1.25
CA LEU A 385 22.35 -24.68 0.14
C LEU A 385 21.48 -24.42 -1.08
N ILE A 386 20.49 -25.27 -1.34
CA ILE A 386 19.57 -25.02 -2.44
C ILE A 386 18.82 -23.72 -2.20
N GLN A 387 18.42 -23.46 -0.95
CA GLN A 387 17.75 -22.20 -0.63
C GLN A 387 18.65 -21.01 -0.95
N LYS A 388 19.94 -21.12 -0.62
CA LYS A 388 20.87 -20.04 -0.96
C LYS A 388 20.88 -19.78 -2.45
N LEU A 389 20.89 -20.84 -3.26
CA LEU A 389 20.85 -20.67 -4.71
C LEU A 389 19.57 -19.97 -5.15
N VAL A 390 18.43 -20.41 -4.62
CA VAL A 390 17.16 -19.78 -4.99
C VAL A 390 17.17 -18.31 -4.62
N ARG A 391 17.58 -17.99 -3.39
CA ARG A 391 17.59 -16.60 -2.96
C ARG A 391 18.55 -15.76 -3.79
N ALA A 392 19.62 -16.36 -4.29
CA ALA A 392 20.52 -15.64 -5.18
C ALA A 392 19.88 -15.40 -6.54
N ILE A 393 19.14 -16.39 -7.04
CA ILE A 393 18.49 -16.26 -8.35
C ILE A 393 17.43 -15.17 -8.31
N SER A 394 16.59 -15.18 -7.28
CA SER A 394 15.47 -14.24 -7.24
C SER A 394 15.93 -12.81 -7.01
N ARG A 395 16.97 -12.62 -6.20
CA ARG A 395 17.47 -11.28 -5.94
C ARG A 395 18.03 -10.64 -7.21
N ARG A 396 18.73 -11.43 -8.03
CA ARG A 396 19.22 -10.88 -9.30
C ARG A 396 18.06 -10.44 -10.19
N ALA A 397 17.04 -11.30 -10.31
CA ALA A 397 15.86 -10.92 -11.08
C ALA A 397 15.22 -9.66 -10.52
N ALA A 398 15.06 -9.59 -9.21
CA ALA A 398 14.43 -8.42 -8.59
C ALA A 398 15.25 -7.17 -8.79
N PHE A 399 16.58 -7.28 -8.67
CA PHE A 399 17.42 -6.09 -8.82
C PHE A 399 17.45 -5.61 -10.26
N LEU A 400 17.53 -6.54 -11.21
CA LEU A 400 17.45 -6.14 -12.62
C LEU A 400 16.07 -5.59 -12.95
N ALA A 401 15.03 -6.11 -12.29
CA ALA A 401 13.68 -5.62 -12.55
C ALA A 401 13.54 -4.14 -12.20
N ALA A 402 14.32 -3.66 -11.23
CA ALA A 402 14.24 -2.26 -10.81
C ALA A 402 14.94 -1.32 -11.77
N VAL A 403 15.86 -1.82 -12.60
CA VAL A 403 16.64 -0.93 -13.47
C VAL A 403 15.76 -0.16 -14.45
N PRO A 404 14.89 -0.80 -15.23
CA PRO A 404 14.04 -0.01 -16.14
C PRO A 404 13.18 1.02 -15.41
N ILE A 405 12.69 0.67 -14.22
CA ILE A 405 11.87 1.61 -13.46
C ILE A 405 12.70 2.82 -13.04
N ALA A 406 13.87 2.58 -12.46
CA ALA A 406 14.74 3.69 -12.07
C ALA A 406 15.08 4.56 -13.26
N ALA A 407 15.38 3.95 -14.41
CA ALA A 407 15.78 4.72 -15.58
C ALA A 407 14.66 5.64 -16.06
N ILE A 408 13.42 5.14 -16.06
CA ILE A 408 12.29 5.95 -16.53
C ILE A 408 12.04 7.12 -15.59
N LEU A 409 12.12 6.87 -14.27
CA LEU A 409 11.89 7.95 -13.32
C LEU A 409 12.94 9.05 -13.44
N ILE A 410 14.18 8.67 -13.78
CA ILE A 410 15.24 9.65 -13.93
C ILE A 410 15.08 10.43 -15.22
N LYS A 411 14.82 9.73 -16.34
CA LYS A 411 14.71 10.41 -17.63
C LYS A 411 13.59 11.44 -17.62
N THR A 412 12.44 11.10 -17.05
CA THR A 412 11.29 11.98 -17.04
C THR A 412 11.26 12.89 -15.82
N ASN A 413 12.26 12.81 -14.95
CA ASN A 413 12.35 13.64 -13.74
C ASN A 413 11.00 13.69 -13.03
N ALA A 414 10.44 12.51 -12.76
CA ALA A 414 9.09 12.39 -12.26
C ALA A 414 8.99 12.47 -10.73
N LEU A 415 10.09 12.32 -10.01
CA LEU A 415 10.01 12.24 -8.56
C LEU A 415 9.85 13.61 -7.91
N ASN A 416 10.55 14.62 -8.42
CA ASN A 416 10.54 15.96 -7.83
C ASN A 416 9.73 16.88 -8.72
N GLN A 417 8.42 16.69 -8.69
CA GLN A 417 7.49 17.50 -9.45
C GLN A 417 6.65 18.44 -8.60
N SER A 418 6.47 18.14 -7.32
CA SER A 418 5.68 18.98 -6.43
C SER A 418 5.94 18.53 -5.00
N TYR A 419 5.61 19.42 -4.06
CA TYR A 419 5.70 19.08 -2.65
C TYR A 419 4.83 17.86 -2.37
N HIS A 420 5.42 16.87 -1.70
CA HIS A 420 4.75 15.61 -1.37
C HIS A 420 4.46 14.76 -2.61
N CYS A 421 5.18 15.01 -3.71
CA CYS A 421 4.96 14.27 -4.94
C CYS A 421 5.23 12.79 -4.75
N GLN A 422 4.21 11.97 -4.95
CA GLN A 422 4.34 10.51 -4.94
C GLN A 422 4.05 9.98 -6.33
N VAL A 423 4.77 8.93 -6.74
CA VAL A 423 4.58 8.32 -8.04
C VAL A 423 4.18 6.86 -7.85
N GLU A 424 3.35 6.37 -8.76
CA GLU A 424 2.81 5.03 -8.72
C GLU A 424 3.33 4.22 -9.90
N VAL A 425 3.83 3.03 -9.62
CA VAL A 425 4.24 2.07 -10.63
C VAL A 425 3.23 0.93 -10.62
N GLY A 426 2.37 0.89 -11.63
CA GLY A 426 1.38 -0.15 -11.73
C GLY A 426 2.01 -1.44 -12.22
N CYS A 427 1.84 -2.52 -11.46
CA CYS A 427 2.55 -3.76 -11.72
C CYS A 427 1.56 -4.92 -11.78
N ASP A 428 1.71 -5.76 -12.80
CA ASP A 428 0.97 -7.01 -12.89
C ASP A 428 1.99 -8.11 -13.20
N GLY A 429 1.55 -9.36 -13.11
CA GLY A 429 2.44 -10.46 -13.38
C GLY A 429 2.58 -11.40 -12.20
N SER A 430 2.83 -12.68 -12.48
CA SER A 430 2.87 -13.68 -11.42
C SER A 430 4.02 -13.42 -10.45
N VAL A 431 5.16 -12.93 -10.95
CA VAL A 431 6.34 -12.81 -10.10
C VAL A 431 6.22 -11.62 -9.16
N VAL A 432 6.04 -10.42 -9.71
CA VAL A 432 5.97 -9.23 -8.87
C VAL A 432 4.79 -9.28 -7.92
N GLU A 433 3.78 -10.08 -8.23
CA GLU A 433 2.58 -10.14 -7.40
C GLU A 433 2.67 -11.20 -6.31
N HIS A 434 3.22 -12.38 -6.61
CA HIS A 434 3.12 -13.52 -5.70
C HIS A 434 4.45 -14.08 -5.23
N TYR A 435 5.56 -13.78 -5.89
CA TYR A 435 6.84 -14.32 -5.43
C TYR A 435 7.23 -13.61 -4.14
N PRO A 436 7.36 -14.32 -3.02
CA PRO A 436 7.56 -13.65 -1.73
C PRO A 436 8.81 -12.77 -1.72
N GLY A 437 8.62 -11.52 -1.33
CA GLY A 437 9.72 -10.59 -1.18
C GLY A 437 10.30 -10.05 -2.47
N PHE A 438 9.69 -10.35 -3.62
CA PHE A 438 10.21 -9.83 -4.88
C PHE A 438 10.11 -8.32 -4.91
N ARG A 439 8.96 -7.77 -4.50
CA ARG A 439 8.78 -6.34 -4.49
C ARG A 439 9.65 -5.70 -3.41
N SER A 440 9.83 -6.39 -2.28
CA SER A 440 10.74 -5.92 -1.24
C SER A 440 12.15 -5.77 -1.78
N MET A 441 12.60 -6.71 -2.60
CA MET A 441 13.95 -6.64 -3.16
C MET A 441 14.03 -5.59 -4.27
N MET A 442 12.94 -5.37 -5.02
CA MET A 442 12.93 -4.30 -6.00
C MET A 442 13.08 -2.93 -5.32
N ARG A 443 12.38 -2.73 -4.20
CA ARG A 443 12.51 -1.48 -3.46
C ARG A 443 13.94 -1.28 -2.98
N HIS A 444 14.63 -2.37 -2.62
CA HIS A 444 16.03 -2.27 -2.24
C HIS A 444 16.86 -1.75 -3.41
N ALA A 445 16.70 -2.36 -4.58
CA ALA A 445 17.46 -1.93 -5.74
C ALA A 445 17.17 -0.48 -6.10
N LEU A 446 15.89 -0.08 -6.02
CA LEU A 446 15.55 1.31 -6.28
C LEU A 446 16.29 2.25 -5.33
N ALA A 447 16.39 1.87 -4.05
CA ALA A 447 17.12 2.70 -3.10
C ALA A 447 18.61 2.76 -3.43
N LEU A 448 19.16 1.70 -4.02
CA LEU A 448 20.54 1.69 -4.45
C LEU A 448 20.75 2.42 -5.78
N SER A 449 19.70 2.51 -6.60
CA SER A 449 19.80 3.17 -7.89
C SER A 449 20.03 4.67 -7.70
N PRO A 450 20.29 5.39 -8.79
CA PRO A 450 20.61 6.83 -8.66
C PRO A 450 19.49 7.66 -8.03
N ILE A 451 18.26 7.15 -7.93
CA ILE A 451 17.23 7.92 -7.26
C ILE A 451 17.43 7.89 -5.75
N GLY A 452 18.18 6.92 -5.24
CA GLY A 452 18.55 6.88 -3.84
C GLY A 452 17.40 6.52 -2.92
N PRO A 453 17.69 6.40 -1.62
CA PRO A 453 16.62 6.13 -0.66
C PRO A 453 15.54 7.21 -0.66
N GLU A 454 15.94 8.48 -0.85
CA GLU A 454 14.97 9.57 -0.84
C GLU A 454 13.92 9.37 -1.93
N GLY A 455 14.32 8.84 -3.07
CA GLY A 455 13.41 8.65 -4.19
C GLY A 455 12.55 7.41 -4.03
N GLU A 456 13.14 6.33 -3.53
CA GLU A 456 12.39 5.10 -3.30
C GLU A 456 11.21 5.36 -2.36
N ARG A 457 11.43 6.17 -1.33
CA ARG A 457 10.36 6.43 -0.37
C ARG A 457 9.15 7.07 -1.03
N ASP A 458 9.35 7.76 -2.16
CA ASP A 458 8.26 8.40 -2.89
C ASP A 458 7.79 7.56 -4.08
N VAL A 459 8.33 6.35 -4.27
CA VAL A 459 7.88 5.42 -5.30
C VAL A 459 7.03 4.35 -4.64
N HIS A 460 5.95 3.96 -5.32
CA HIS A 460 5.00 2.98 -4.79
C HIS A 460 4.72 1.94 -5.86
N LEU A 461 5.21 0.72 -5.64
CA LEU A 461 4.92 -0.41 -6.54
C LEU A 461 3.57 -0.98 -6.13
N ARG A 462 2.53 -0.64 -6.88
CA ARG A 462 1.16 -1.06 -6.57
C ARG A 462 0.70 -2.08 -7.60
N ILE A 463 0.08 -3.16 -7.13
CA ILE A 463 -0.44 -4.19 -8.01
C ILE A 463 -1.69 -3.65 -8.71
N SER A 464 -1.70 -3.72 -10.04
CA SER A 464 -2.80 -3.21 -10.85
C SER A 464 -3.27 -4.31 -11.80
N LYS A 465 -4.42 -4.88 -11.50
CA LYS A 465 -5.01 -5.95 -12.30
C LYS A 465 -5.96 -5.35 -13.34
N ASP A 466 -6.57 -6.22 -14.15
CA ASP A 466 -7.57 -5.82 -15.14
C ASP A 466 -6.97 -4.95 -16.24
N GLY A 467 -5.70 -5.16 -16.58
CA GLY A 467 -5.08 -4.37 -17.63
C GLY A 467 -5.55 -4.79 -19.01
N SER A 468 -5.75 -6.09 -19.22
CA SER A 468 -6.18 -6.61 -20.51
C SER A 468 -7.66 -6.43 -20.76
N GLY A 469 -8.42 -5.86 -19.82
CA GLY A 469 -9.84 -5.62 -20.05
C GLY A 469 -10.23 -4.16 -19.92
N VAL A 470 -10.16 -3.62 -18.70
CA VAL A 470 -10.51 -2.22 -18.48
C VAL A 470 -9.52 -1.31 -19.20
N GLY A 471 -8.25 -1.69 -19.23
CA GLY A 471 -7.26 -0.88 -19.92
C GLY A 471 -7.55 -0.78 -21.41
N ALA A 472 -7.89 -1.90 -22.04
CA ALA A 472 -8.23 -1.88 -23.46
C ALA A 472 -9.48 -1.04 -23.70
N ALA A 473 -10.49 -1.19 -22.84
CA ALA A 473 -11.72 -0.42 -23.00
C ALA A 473 -11.46 1.08 -22.95
N LEU A 474 -10.50 1.51 -22.12
CA LEU A 474 -10.21 2.93 -21.99
C LEU A 474 -9.54 3.49 -23.24
N CYS A 475 -8.69 2.69 -23.90
CA CYS A 475 -8.09 3.14 -25.16
C CYS A 475 -9.15 3.39 -26.21
N ALA A 476 -10.19 2.55 -26.24
CA ALA A 476 -11.23 2.65 -27.26
C ALA A 476 -12.21 3.78 -26.99
N LEU A 477 -12.33 4.24 -25.75
CA LEU A 477 -13.33 5.24 -25.41
C LEU A 477 -13.13 6.53 -26.20
N HIS A 478 -11.88 7.02 -26.25
CA HIS A 478 -11.62 8.31 -26.89
C HIS A 478 -11.53 8.20 -28.41
N ALA A 479 -11.37 7.00 -28.96
CA ALA A 479 -11.28 6.83 -30.40
C ALA A 479 -12.68 6.85 -31.02
N ASN A 480 -12.70 7.07 -32.33
CA ASN A 480 -13.95 7.21 -33.06
C ASN A 480 -14.42 5.86 -33.61
N TYR A 481 -15.73 5.63 -33.53
CA TYR A 481 -16.34 4.42 -34.04
C TYR A 481 -16.17 4.32 -35.56
N SER B 2 5.01 42.34 -0.78
CA SER B 2 6.23 41.74 -0.25
C SER B 2 6.83 42.57 0.88
N ASP B 3 6.90 41.98 2.07
CA ASP B 3 7.45 42.64 3.25
C ASP B 3 8.61 41.81 3.80
N PRO B 4 9.85 42.22 3.56
CA PRO B 4 10.98 41.41 4.09
C PRO B 4 10.97 41.30 5.60
N LYS B 5 10.39 42.27 6.31
CA LYS B 5 10.30 42.16 7.76
C LYS B 5 9.43 40.97 8.15
N LEU B 6 8.24 40.86 7.54
CA LEU B 6 7.38 39.73 7.83
C LEU B 6 8.02 38.42 7.39
N THR B 7 8.66 38.41 6.21
CA THR B 7 9.29 37.20 5.71
C THR B 7 10.39 36.71 6.66
N LYS B 8 11.20 37.63 7.16
CA LYS B 8 12.28 37.24 8.07
C LYS B 8 11.74 36.66 9.36
N ALA B 9 10.61 37.20 9.85
CA ALA B 9 10.00 36.67 11.06
C ALA B 9 9.44 35.28 10.83
N VAL B 10 8.74 35.08 9.71
CA VAL B 10 8.12 33.79 9.43
C VAL B 10 9.18 32.70 9.27
N ASP B 11 10.25 33.01 8.53
CA ASP B 11 11.31 32.03 8.34
C ASP B 11 11.95 31.64 9.66
N SER B 12 12.08 32.60 10.58
CA SER B 12 12.68 32.30 11.87
C SER B 12 11.74 31.48 12.74
N ILE B 13 10.43 31.70 12.61
CA ILE B 13 9.47 30.85 13.31
C ILE B 13 9.48 29.44 12.75
N CYS B 14 9.62 29.30 11.43
CA CYS B 14 9.66 27.98 10.82
C CYS B 14 10.83 27.17 11.35
N ASP B 15 11.99 27.79 11.55
CA ASP B 15 13.16 27.06 12.03
C ASP B 15 12.96 26.54 13.44
N GLN B 16 12.04 27.11 14.22
CA GLN B 16 11.78 26.60 15.56
C GLN B 16 11.11 25.24 15.55
N PHE B 17 10.47 24.86 14.44
CA PHE B 17 9.75 23.61 14.34
C PHE B 17 10.60 22.49 13.75
N ILE B 18 11.86 22.76 13.41
CA ILE B 18 12.70 21.75 12.76
C ILE B 18 13.01 20.64 13.75
N VAL B 19 12.79 19.40 13.34
CA VAL B 19 13.19 18.21 14.09
C VAL B 19 14.34 17.57 13.33
N THR B 20 15.52 17.54 13.95
CA THR B 20 16.72 17.05 13.30
C THR B 20 16.84 15.54 13.45
N LYS B 21 17.78 14.96 12.69
CA LYS B 21 18.05 13.53 12.83
C LYS B 21 18.53 13.20 14.23
N SER B 22 19.41 14.03 14.80
CA SER B 22 19.87 13.79 16.16
C SER B 22 18.71 13.85 17.15
N LYS B 23 17.78 14.78 16.95
CA LYS B 23 16.65 14.89 17.86
C LYS B 23 15.77 13.65 17.77
N ILE B 24 15.58 13.12 16.57
CA ILE B 24 14.80 11.89 16.42
C ILE B 24 15.49 10.74 17.16
N SER B 25 16.80 10.62 17.00
CA SER B 25 17.55 9.59 17.70
C SER B 25 17.39 9.74 19.21
N GLN B 26 17.60 10.96 19.72
CA GLN B 26 17.46 11.20 21.16
C GLN B 26 16.08 10.81 21.65
N LEU B 27 15.04 11.23 20.93
CA LEU B 27 13.67 10.93 21.38
C LEU B 27 13.37 9.44 21.24
N THR B 28 13.89 8.81 20.19
CA THR B 28 13.65 7.37 20.02
C THR B 28 14.28 6.57 21.15
N GLU B 29 15.51 6.90 21.53
CA GLU B 29 16.15 6.19 22.64
C GLU B 29 15.45 6.51 23.96
N TYR B 30 15.10 7.78 24.18
CA TYR B 30 14.40 8.15 25.40
C TYR B 30 13.04 7.49 25.48
N PHE B 31 12.37 7.31 24.33
CA PHE B 31 11.07 6.65 24.32
C PHE B 31 11.20 5.19 24.75
N ILE B 32 12.25 4.50 24.30
CA ILE B 32 12.45 3.11 24.69
C ILE B 32 12.69 3.02 26.20
N ASP B 33 13.45 3.99 26.74
CA ASP B 33 13.66 4.01 28.18
C ASP B 33 12.33 4.18 28.92
N CYS B 34 11.49 5.10 28.45
CA CYS B 34 10.19 5.30 29.08
C CYS B 34 9.31 4.06 28.91
N MET B 35 9.47 3.33 27.82
CA MET B 35 8.73 2.08 27.66
C MET B 35 9.11 1.08 28.75
N GLU B 36 10.41 1.00 29.07
CA GLU B 36 10.88 0.03 30.06
C GLU B 36 10.54 0.48 31.48
N LYS B 37 10.65 1.77 31.77
CA LYS B 37 10.26 2.25 33.09
C LYS B 37 8.79 1.96 33.38
N GLY B 38 7.93 2.16 32.37
CA GLY B 38 6.50 1.97 32.55
C GLY B 38 6.07 0.52 32.67
N LEU B 39 6.85 -0.41 32.13
CA LEU B 39 6.53 -1.83 32.29
C LEU B 39 6.89 -2.36 33.67
N GLU B 40 7.61 -1.58 34.47
CA GLU B 40 7.96 -1.98 35.82
C GLU B 40 6.83 -1.63 36.79
N PRO B 41 6.66 -2.41 37.85
CA PRO B 41 5.62 -2.12 38.84
C PRO B 41 5.92 -0.80 39.56
N CYS B 42 4.85 -0.19 40.09
CA CYS B 42 4.92 1.14 40.67
C CYS B 42 5.03 1.02 42.19
N GLU B 43 6.27 0.81 42.65
CA GLU B 43 6.55 0.86 44.09
C GLU B 43 6.60 2.30 44.58
N SER B 44 7.13 3.22 43.78
CA SER B 44 7.21 4.63 44.13
C SER B 44 7.39 5.41 42.83
N ASP B 45 7.68 6.71 42.97
CA ASP B 45 7.86 7.59 41.81
C ASP B 45 9.30 8.05 41.70
N ILE B 46 10.24 7.12 41.82
CA ILE B 46 11.68 7.45 41.79
C ILE B 46 12.12 7.30 40.35
N SER B 47 11.97 8.37 39.57
CA SER B 47 12.22 8.42 38.14
C SER B 47 11.25 7.55 37.35
N GLN B 48 10.36 6.81 38.02
CA GLN B 48 9.35 6.03 37.35
C GLN B 48 8.14 6.86 36.95
N ASN B 49 7.94 8.01 37.61
CA ASN B 49 6.90 8.94 37.17
C ASN B 49 7.15 9.43 35.76
N LYS B 50 8.39 9.39 35.29
CA LYS B 50 8.74 9.73 33.91
C LYS B 50 8.55 8.57 32.95
N GLY B 51 7.87 7.50 33.35
CA GLY B 51 7.63 6.35 32.51
C GLY B 51 6.24 6.37 31.89
N LEU B 52 6.13 5.73 30.72
CA LEU B 52 4.85 5.66 30.02
C LEU B 52 3.89 4.75 30.78
N PRO B 53 2.57 5.00 30.65
CA PRO B 53 1.60 4.12 31.33
C PRO B 53 1.79 2.65 31.00
N MET B 54 2.05 2.31 29.73
CA MET B 54 2.27 0.93 29.31
C MET B 54 1.26 0.00 29.97
N ILE B 55 -0.02 0.14 29.61
CA ILE B 55 -1.12 -0.49 30.34
C ILE B 55 -1.41 -1.85 29.70
N PRO B 56 -1.34 -2.95 30.44
CA PRO B 56 -1.73 -4.24 29.87
C PRO B 56 -3.19 -4.25 29.46
N THR B 57 -3.48 -4.86 28.32
CA THR B 57 -4.82 -4.96 27.78
C THR B 57 -5.43 -6.35 27.91
N PHE B 58 -4.63 -7.36 28.24
CA PHE B 58 -5.10 -8.74 28.37
C PHE B 58 -5.64 -9.28 27.05
N VAL B 59 -5.15 -8.75 25.93
CA VAL B 59 -5.36 -9.31 24.61
C VAL B 59 -4.08 -10.01 24.20
N THR B 60 -4.15 -11.33 23.99
CA THR B 60 -2.96 -12.14 23.78
C THR B 60 -2.92 -12.89 22.46
N ASP B 61 -3.91 -12.72 21.58
CA ASP B 61 -4.00 -13.52 20.37
C ASP B 61 -4.35 -12.62 19.20
N LYS B 62 -3.47 -12.60 18.19
CA LYS B 62 -3.78 -11.88 16.96
C LYS B 62 -4.71 -12.72 16.09
N PRO B 63 -5.76 -12.13 15.53
CA PRO B 63 -6.62 -12.91 14.63
C PRO B 63 -5.84 -13.41 13.42
N SER B 64 -6.27 -14.55 12.89
CA SER B 64 -5.64 -15.11 11.70
C SER B 64 -6.19 -14.50 10.43
N GLY B 65 -7.47 -14.16 10.42
CA GLY B 65 -8.18 -13.73 9.23
C GLY B 65 -9.26 -14.69 8.79
N GLN B 66 -9.32 -15.87 9.40
CA GLN B 66 -10.33 -16.88 9.07
C GLN B 66 -11.40 -17.01 10.13
N GLU B 67 -11.31 -16.22 11.21
CA GLU B 67 -12.36 -16.22 12.23
C GLU B 67 -13.70 -15.86 11.60
N HIS B 68 -14.75 -16.56 12.04
CA HIS B 68 -16.08 -16.34 11.53
C HIS B 68 -17.07 -16.74 12.62
N GLY B 69 -18.32 -16.36 12.44
CA GLY B 69 -19.36 -16.70 13.38
C GLY B 69 -20.51 -15.72 13.29
N VAL B 70 -21.42 -15.84 14.27
CA VAL B 70 -22.64 -15.04 14.27
C VAL B 70 -22.31 -13.57 14.49
N THR B 71 -23.20 -12.71 14.01
CA THR B 71 -23.13 -11.27 14.22
C THR B 71 -22.78 -10.92 15.67
N MET B 72 -21.74 -10.11 15.84
CA MET B 72 -21.34 -9.60 17.13
C MET B 72 -21.75 -8.13 17.23
N LEU B 73 -21.85 -7.63 18.45
CA LEU B 73 -22.14 -6.23 18.70
C LEU B 73 -20.87 -5.52 19.16
N ALA B 74 -20.81 -4.22 18.89
CA ALA B 74 -19.69 -3.40 19.31
C ALA B 74 -20.17 -1.98 19.57
N ALA B 75 -19.68 -1.40 20.66
CA ALA B 75 -19.98 -0.03 21.03
C ALA B 75 -18.65 0.71 21.18
N ASP B 76 -18.62 1.97 20.72
CA ASP B 76 -17.41 2.76 20.74
C ASP B 76 -17.74 4.15 21.27
N LEU B 77 -17.15 4.49 22.42
CA LEU B 77 -17.24 5.82 22.99
C LEU B 77 -15.92 6.53 22.79
N GLY B 78 -15.96 7.67 22.08
CA GLY B 78 -14.80 8.49 21.87
C GLY B 78 -14.94 9.83 22.55
N GLY B 79 -14.12 10.78 22.12
CA GLY B 79 -14.21 12.14 22.65
C GLY B 79 -15.28 12.99 22.00
N THR B 80 -15.92 12.48 20.94
CA THR B 80 -16.86 13.28 20.16
C THR B 80 -18.14 12.50 19.83
N ASN B 81 -18.01 11.21 19.51
CA ASN B 81 -19.13 10.42 19.04
C ASN B 81 -19.26 9.12 19.84
N PHE B 82 -20.47 8.59 19.87
CA PHE B 82 -20.76 7.26 20.38
C PHE B 82 -21.27 6.42 19.22
N ARG B 83 -20.61 5.30 18.95
CA ARG B 83 -20.92 4.44 17.83
C ARG B 83 -21.43 3.08 18.33
N VAL B 84 -22.46 2.57 17.68
CA VAL B 84 -22.97 1.23 17.92
C VAL B 84 -23.08 0.53 16.57
N CYS B 85 -22.58 -0.70 16.49
CA CYS B 85 -22.61 -1.42 15.23
C CYS B 85 -22.72 -2.92 15.48
N SER B 86 -23.15 -3.63 14.44
CA SER B 86 -23.13 -5.08 14.41
C SER B 86 -22.14 -5.53 13.35
N VAL B 87 -21.29 -6.49 13.70
CA VAL B 87 -20.22 -6.96 12.82
C VAL B 87 -20.38 -8.46 12.62
N GLU B 88 -20.54 -8.88 11.37
CA GLU B 88 -20.64 -10.29 11.02
C GLU B 88 -19.31 -10.72 10.42
N LEU B 89 -18.56 -11.54 11.16
CA LEU B 89 -17.27 -12.03 10.69
C LEU B 89 -17.49 -13.23 9.78
N LEU B 90 -17.09 -13.09 8.52
CA LEU B 90 -17.31 -14.11 7.50
C LEU B 90 -16.11 -14.99 7.24
N GLY B 91 -14.99 -14.77 7.93
CA GLY B 91 -13.78 -15.48 7.61
C GLY B 91 -13.21 -15.00 6.28
N ASN B 92 -12.02 -15.48 5.93
CA ASN B 92 -11.36 -15.09 4.68
C ASN B 92 -11.21 -13.57 4.58
N HIS B 93 -10.92 -12.94 5.72
CA HIS B 93 -10.55 -11.53 5.80
C HIS B 93 -11.71 -10.58 5.48
N GLU B 94 -12.94 -11.06 5.52
CA GLU B 94 -14.10 -10.25 5.14
C GLU B 94 -15.11 -10.19 6.27
N PHE B 95 -15.96 -9.16 6.23
CA PHE B 95 -16.98 -8.95 7.23
C PHE B 95 -18.07 -8.06 6.67
N LYS B 96 -19.27 -8.19 7.21
CA LYS B 96 -20.38 -7.28 6.97
C LYS B 96 -20.65 -6.49 8.24
N ILE B 97 -20.79 -5.17 8.10
CA ILE B 97 -20.91 -4.28 9.24
C ILE B 97 -22.10 -3.35 9.03
N GLU B 98 -22.93 -3.23 10.07
CA GLU B 98 -24.00 -2.24 10.14
C GLU B 98 -23.72 -1.35 11.35
N GLN B 99 -23.72 -0.04 11.14
CA GLN B 99 -23.32 0.88 12.19
C GLN B 99 -24.19 2.12 12.18
N GLU B 100 -24.20 2.80 13.32
CA GLU B 100 -24.90 4.07 13.51
C GLU B 100 -24.01 4.96 14.37
N LYS B 101 -23.93 6.24 14.01
CA LYS B 101 -23.13 7.22 14.73
C LYS B 101 -24.04 8.31 15.28
N SER B 102 -23.78 8.70 16.53
CA SER B 102 -24.50 9.80 17.16
C SER B 102 -23.51 10.65 17.94
N LYS B 103 -23.61 11.96 17.79
CA LYS B 103 -22.72 12.86 18.51
C LYS B 103 -23.04 12.83 20.00
N ILE B 104 -22.01 12.91 20.83
CA ILE B 104 -22.22 12.95 22.28
C ILE B 104 -22.90 14.28 22.58
N PRO B 105 -24.08 14.27 23.21
CA PRO B 105 -24.78 15.54 23.49
C PRO B 105 -23.90 16.52 24.25
N THR B 106 -24.01 17.79 23.87
CA THR B 106 -23.20 18.82 24.52
C THR B 106 -23.48 18.90 26.02
N PHE B 107 -24.55 18.26 26.49
CA PHE B 107 -24.84 18.23 27.91
C PHE B 107 -23.70 17.61 28.71
N PHE B 108 -22.95 16.70 28.09
CA PHE B 108 -21.83 16.04 28.76
C PHE B 108 -20.57 16.88 28.80
N PHE B 109 -20.50 17.97 28.04
CA PHE B 109 -19.32 18.81 27.96
C PHE B 109 -19.45 20.09 28.79
N GLN B 110 -20.51 20.24 29.56
CA GLN B 110 -20.70 21.39 30.42
C GLN B 110 -20.62 20.93 31.87
N ASP B 111 -19.84 21.66 32.67
CA ASP B 111 -19.46 21.23 34.01
C ASP B 111 -20.27 21.91 35.10
N ASP B 112 -21.41 22.52 34.74
CA ASP B 112 -22.27 23.18 35.72
C ASP B 112 -23.58 22.42 35.93
N HIS B 113 -23.59 21.12 35.61
CA HIS B 113 -24.77 20.28 35.79
C HIS B 113 -24.50 19.04 36.63
N HIS B 114 -23.30 18.90 37.18
CA HIS B 114 -22.92 17.71 37.94
C HIS B 114 -23.38 16.45 37.21
N VAL B 115 -22.83 16.24 36.03
CA VAL B 115 -23.18 15.09 35.21
C VAL B 115 -22.51 13.85 35.79
N THR B 116 -23.27 12.75 35.84
CA THR B 116 -22.84 11.53 36.50
C THR B 116 -22.71 10.38 35.50
N SER B 117 -22.09 9.30 35.97
CA SER B 117 -21.92 8.12 35.13
C SER B 117 -23.26 7.53 34.68
N LYS B 118 -24.28 7.62 35.53
CA LYS B 118 -25.60 7.10 35.14
C LYS B 118 -26.13 7.85 33.93
N ASP B 119 -25.89 9.15 33.85
CA ASP B 119 -26.32 9.92 32.69
C ASP B 119 -25.66 9.41 31.41
N LEU B 120 -24.35 9.17 31.46
CA LEU B 120 -23.62 8.75 30.26
C LEU B 120 -24.04 7.34 29.85
N PHE B 121 -23.91 6.38 30.76
CA PHE B 121 -24.13 4.99 30.39
C PHE B 121 -25.60 4.67 30.19
N GLN B 122 -26.50 5.45 30.79
CA GLN B 122 -27.92 5.31 30.47
C GLN B 122 -28.21 5.83 29.07
N HIS B 123 -27.52 6.89 28.65
CA HIS B 123 -27.64 7.36 27.28
C HIS B 123 -27.11 6.33 26.29
N MET B 124 -25.97 5.72 26.61
CA MET B 124 -25.42 4.69 25.73
C MET B 124 -26.34 3.50 25.60
N ALA B 125 -26.95 3.07 26.72
CA ALA B 125 -27.86 1.93 26.66
C ALA B 125 -29.07 2.24 25.79
N LEU B 126 -29.59 3.47 25.85
CA LEU B 126 -30.70 3.85 25.00
C LEU B 126 -30.30 3.85 23.52
N ILE B 127 -29.14 4.41 23.20
CA ILE B 127 -28.69 4.41 21.81
C ILE B 127 -28.49 2.98 21.33
N THR B 128 -27.91 2.11 22.18
CA THR B 128 -27.79 0.70 21.83
C THR B 128 -29.17 0.11 21.54
N HIS B 129 -30.14 0.39 22.41
CA HIS B 129 -31.50 -0.08 22.17
C HIS B 129 -32.05 0.48 20.87
N GLN B 130 -31.78 1.75 20.59
CA GLN B 130 -32.23 2.34 19.34
C GLN B 130 -31.60 1.65 18.15
N PHE B 131 -30.31 1.32 18.24
CA PHE B 131 -29.63 0.64 17.15
C PHE B 131 -30.26 -0.73 16.90
N LEU B 132 -30.41 -1.54 17.95
CA LEU B 132 -30.94 -2.89 17.78
C LEU B 132 -32.37 -2.87 17.26
N THR B 133 -33.18 -1.90 17.70
CA THR B 133 -34.55 -1.82 17.23
C THR B 133 -34.62 -1.47 15.74
N LYS B 134 -33.61 -0.77 15.23
CA LYS B 134 -33.62 -0.34 13.84
C LYS B 134 -33.10 -1.43 12.90
N HIS B 135 -31.97 -2.05 13.25
CA HIS B 135 -31.28 -2.96 12.34
C HIS B 135 -31.50 -4.43 12.65
N HIS B 136 -32.06 -4.75 13.82
CA HIS B 136 -32.29 -6.15 14.21
C HIS B 136 -33.58 -6.23 15.02
N LYS B 137 -34.65 -5.63 14.48
CA LYS B 137 -35.90 -5.55 15.22
C LYS B 137 -36.44 -6.93 15.56
N ASP B 138 -36.37 -7.86 14.61
CA ASP B 138 -37.00 -9.16 14.79
C ASP B 138 -36.32 -10.02 15.86
N VAL B 139 -35.07 -9.72 16.20
CA VAL B 139 -34.30 -10.60 17.08
C VAL B 139 -33.64 -9.82 18.21
N ILE B 140 -34.19 -8.66 18.57
CA ILE B 140 -33.56 -7.82 19.57
C ILE B 140 -33.62 -8.49 20.94
N GLN B 141 -34.77 -9.09 21.28
CA GLN B 141 -34.97 -9.69 22.60
C GLN B 141 -34.66 -11.17 22.66
N ASP B 142 -34.40 -11.83 21.52
CA ASP B 142 -34.20 -13.27 21.50
C ASP B 142 -32.73 -13.67 21.55
N TYR B 143 -31.89 -13.03 20.73
CA TYR B 143 -30.49 -13.43 20.63
C TYR B 143 -29.74 -13.20 21.93
N LYS B 144 -28.68 -13.99 22.12
CA LYS B 144 -27.73 -13.79 23.23
C LYS B 144 -26.56 -13.00 22.66
N TRP B 145 -26.72 -11.69 22.61
CA TRP B 145 -25.74 -10.83 21.98
C TRP B 145 -24.46 -10.75 22.80
N LYS B 146 -23.32 -10.83 22.12
CA LYS B 146 -22.03 -10.54 22.70
C LYS B 146 -21.54 -9.21 22.17
N MET B 147 -21.11 -8.33 23.07
CA MET B 147 -20.70 -6.98 22.71
C MET B 147 -19.28 -6.72 23.17
N GLY B 148 -18.51 -6.04 22.32
CA GLY B 148 -17.20 -5.52 22.69
C GLY B 148 -17.26 -4.01 22.82
N PHE B 149 -16.76 -3.52 23.96
CA PHE B 149 -16.86 -2.11 24.32
C PHE B 149 -15.52 -1.42 24.03
N THR B 150 -15.51 -0.58 23.01
CA THR B 150 -14.33 0.23 22.69
C THR B 150 -14.38 1.52 23.48
N PHE B 151 -13.39 1.74 24.34
CA PHE B 151 -13.36 2.83 25.31
C PHE B 151 -11.98 3.48 25.25
N SER B 152 -11.86 4.53 24.43
CA SER B 152 -10.57 5.13 24.11
C SER B 152 -10.12 6.10 25.20
N TYR B 153 -9.95 5.55 26.41
CA TYR B 153 -9.46 6.31 27.54
C TYR B 153 -8.59 5.41 28.40
N PRO B 154 -7.66 5.99 29.16
CA PRO B 154 -6.81 5.17 30.04
C PRO B 154 -7.64 4.38 31.05
N VAL B 155 -7.40 3.08 31.12
CA VAL B 155 -8.18 2.18 31.96
C VAL B 155 -7.24 1.20 32.63
N ASP B 156 -7.33 1.11 33.97
CA ASP B 156 -6.52 0.16 34.73
C ASP B 156 -7.17 -1.22 34.55
N GLN B 157 -6.81 -1.84 33.43
CA GLN B 157 -7.45 -3.08 33.01
C GLN B 157 -6.93 -4.26 33.82
N THR B 158 -7.86 -5.07 34.34
CA THR B 158 -7.52 -6.25 35.13
C THR B 158 -7.90 -7.55 34.43
N SER B 159 -8.70 -7.50 33.39
CA SER B 159 -8.97 -8.64 32.54
C SER B 159 -9.49 -8.13 31.20
N LEU B 160 -9.87 -9.05 30.32
CA LEU B 160 -10.42 -8.64 29.02
C LEU B 160 -11.74 -7.90 29.18
N SER B 161 -12.46 -8.13 30.28
CA SER B 161 -13.80 -7.60 30.47
C SER B 161 -13.92 -6.69 31.69
N SER B 162 -12.80 -6.25 32.26
CA SER B 162 -12.85 -5.46 33.49
C SER B 162 -11.72 -4.43 33.46
N GLY B 163 -12.07 -3.19 33.77
CA GLY B 163 -11.09 -2.12 33.85
C GLY B 163 -11.69 -0.86 34.42
N LYS B 164 -10.94 -0.16 35.27
CA LYS B 164 -11.42 1.04 35.93
C LYS B 164 -10.84 2.27 35.24
N LEU B 165 -11.69 3.28 35.04
CA LEU B 165 -11.23 4.51 34.40
C LEU B 165 -10.18 5.18 35.27
N ILE B 166 -9.06 5.55 34.66
CA ILE B 166 -7.99 6.24 35.37
C ILE B 166 -8.18 7.75 35.32
N ARG B 167 -8.49 8.29 34.15
CA ARG B 167 -8.66 9.73 33.98
C ARG B 167 -9.38 10.00 32.67
N TRP B 168 -10.36 10.89 32.72
CA TRP B 168 -10.96 11.38 31.48
C TRP B 168 -9.91 12.24 30.80
N THR B 169 -9.60 11.94 29.54
CA THR B 169 -8.53 12.62 28.84
C THR B 169 -8.96 13.49 27.67
N LYS B 170 -10.19 13.36 27.19
CA LYS B 170 -10.63 14.19 26.08
C LYS B 170 -11.47 15.37 26.55
N GLY B 171 -12.45 15.80 25.75
CA GLY B 171 -13.17 17.02 26.02
C GLY B 171 -14.25 17.03 27.08
N PHE B 172 -14.40 16.00 27.90
CA PHE B 172 -15.42 16.04 28.94
C PHE B 172 -14.96 15.25 30.15
N LYS B 173 -15.50 15.63 31.32
CA LYS B 173 -15.09 15.07 32.60
C LYS B 173 -16.32 14.73 33.43
N ILE B 174 -16.56 13.44 33.62
CA ILE B 174 -17.61 12.94 34.49
C ILE B 174 -16.91 12.36 35.71
N GLY B 175 -16.93 13.12 36.81
CA GLY B 175 -16.03 12.82 37.92
C GLY B 175 -16.26 11.48 38.58
N ASP B 176 -17.52 11.10 38.76
CA ASP B 176 -17.83 9.89 39.51
C ASP B 176 -17.57 8.62 38.70
N THR B 177 -17.03 8.73 37.49
CA THR B 177 -16.66 7.54 36.72
C THR B 177 -15.25 7.05 37.04
N VAL B 178 -14.37 7.95 37.47
CA VAL B 178 -12.99 7.56 37.75
C VAL B 178 -12.97 6.53 38.87
N GLY B 179 -12.22 5.46 38.67
CA GLY B 179 -12.11 4.40 39.64
C GLY B 179 -13.17 3.31 39.57
N GLN B 180 -14.10 3.41 38.62
CA GLN B 180 -15.19 2.45 38.49
C GLN B 180 -15.03 1.64 37.22
N ASP B 181 -15.43 0.37 37.29
CA ASP B 181 -15.43 -0.51 36.13
C ASP B 181 -16.48 -0.03 35.13
N VAL B 182 -16.04 0.42 33.96
CA VAL B 182 -16.95 0.96 32.97
C VAL B 182 -17.78 -0.13 32.31
N VAL B 183 -17.30 -1.37 32.29
CA VAL B 183 -18.10 -2.46 31.74
C VAL B 183 -19.28 -2.78 32.63
N GLN B 184 -19.08 -2.70 33.95
CA GLN B 184 -20.19 -2.91 34.88
C GLN B 184 -21.19 -1.76 34.81
N LEU B 185 -20.68 -0.53 34.76
CA LEU B 185 -21.58 0.63 34.65
C LEU B 185 -22.43 0.53 33.39
N PHE B 186 -21.84 0.10 32.27
CA PHE B 186 -22.60 -0.02 31.03
C PHE B 186 -23.57 -1.18 31.10
N GLN B 187 -23.13 -2.32 31.65
CA GLN B 187 -23.98 -3.50 31.68
C GLN B 187 -25.24 -3.27 32.50
N GLN B 188 -25.12 -2.54 33.62
CA GLN B 188 -26.29 -2.32 34.46
C GLN B 188 -27.34 -1.47 33.76
N GLU B 189 -26.91 -0.45 33.01
CA GLU B 189 -27.88 0.36 32.28
C GLU B 189 -28.51 -0.44 31.15
N LEU B 190 -27.74 -1.32 30.51
CA LEU B 190 -28.31 -2.20 29.50
C LEU B 190 -29.36 -3.12 30.12
N ASN B 191 -29.08 -3.64 31.32
CA ASN B 191 -30.07 -4.48 32.00
C ASN B 191 -31.35 -3.69 32.28
N ASP B 192 -31.21 -2.44 32.71
CA ASP B 192 -32.36 -1.68 33.17
C ASP B 192 -33.33 -1.32 32.06
N ILE B 193 -32.92 -1.40 30.79
CA ILE B 193 -33.79 -1.08 29.67
C ILE B 193 -34.17 -2.33 28.88
N GLY B 194 -34.01 -3.51 29.46
CA GLY B 194 -34.43 -4.74 28.82
C GLY B 194 -33.41 -5.37 27.89
N LEU B 195 -32.16 -4.93 27.91
CA LEU B 195 -31.11 -5.52 27.09
C LEU B 195 -30.13 -6.32 27.96
N SER B 196 -30.65 -7.00 28.97
CA SER B 196 -29.82 -7.89 29.78
C SER B 196 -29.25 -9.02 28.95
N ASN B 197 -29.86 -9.33 27.80
CA ASN B 197 -29.34 -10.33 26.88
C ASN B 197 -28.17 -9.81 26.06
N VAL B 198 -27.79 -8.54 26.22
CA VAL B 198 -26.61 -7.98 25.61
C VAL B 198 -25.51 -7.96 26.67
N HIS B 199 -24.56 -8.88 26.56
CA HIS B 199 -23.48 -9.02 27.52
C HIS B 199 -22.24 -8.33 27.00
N VAL B 200 -21.73 -7.36 27.76
CA VAL B 200 -20.48 -6.69 27.44
C VAL B 200 -19.36 -7.61 27.93
N VAL B 201 -18.72 -8.32 27.00
CA VAL B 201 -17.75 -9.36 27.33
C VAL B 201 -16.32 -8.92 27.07
N ALA B 202 -16.10 -7.71 26.56
CA ALA B 202 -14.75 -7.26 26.25
C ALA B 202 -14.66 -5.75 26.36
N LEU B 203 -13.60 -5.28 27.02
CA LEU B 203 -13.26 -3.87 27.07
C LEU B 203 -11.96 -3.68 26.31
N THR B 204 -11.99 -2.86 25.28
CA THR B 204 -10.85 -2.70 24.39
C THR B 204 -10.61 -1.22 24.10
N ASN B 205 -9.41 -0.92 23.65
CA ASN B 205 -8.99 0.42 23.29
C ASN B 205 -9.12 0.60 21.78
N ASP B 206 -9.17 1.85 21.33
CA ASP B 206 -9.19 2.09 19.90
C ASP B 206 -7.88 1.67 19.24
N THR B 207 -6.77 1.73 19.98
CA THR B 207 -5.51 1.25 19.46
C THR B 207 -5.53 -0.27 19.29
N THR B 208 -5.92 -0.99 20.35
CA THR B 208 -6.00 -2.44 20.28
C THR B 208 -6.90 -2.88 19.13
N GLY B 209 -8.09 -2.29 19.02
CA GLY B 209 -9.01 -2.69 17.96
C GLY B 209 -8.43 -2.47 16.58
N THR B 210 -7.70 -1.38 16.39
CA THR B 210 -7.08 -1.12 15.09
C THR B 210 -6.06 -2.20 14.76
N LEU B 211 -5.29 -2.65 15.75
CA LEU B 211 -4.31 -3.71 15.51
C LEU B 211 -5.01 -5.03 15.17
N LEU B 212 -6.04 -5.39 15.94
CA LEU B 212 -6.76 -6.63 15.68
C LEU B 212 -7.43 -6.61 14.32
N ALA B 213 -8.03 -5.47 13.94
CA ALA B 213 -8.69 -5.39 12.64
C ALA B 213 -7.69 -5.56 11.51
N ARG B 214 -6.46 -5.07 11.71
CA ARG B 214 -5.41 -5.20 10.71
C ARG B 214 -4.90 -6.64 10.63
N CYS B 215 -4.89 -7.35 11.75
CA CYS B 215 -4.51 -8.76 11.74
C CYS B 215 -5.55 -9.60 10.98
N TYR B 216 -6.82 -9.19 11.02
CA TYR B 216 -7.87 -9.95 10.38
C TYR B 216 -7.93 -9.67 8.88
N ALA B 217 -7.58 -8.46 8.46
CA ALA B 217 -7.60 -8.10 7.04
C ALA B 217 -6.30 -8.43 6.33
N SER B 218 -5.19 -8.53 7.05
CA SER B 218 -3.92 -8.89 6.42
C SER B 218 -4.03 -10.27 5.78
N SER B 219 -3.86 -10.32 4.46
CA SER B 219 -4.05 -11.56 3.72
C SER B 219 -3.12 -12.66 4.22
N ASP B 220 -3.47 -13.91 3.88
CA ASP B 220 -2.62 -15.04 4.22
C ASP B 220 -1.29 -14.99 3.47
N ALA B 221 -1.33 -14.58 2.20
CA ALA B 221 -0.09 -14.38 1.46
C ALA B 221 0.73 -13.26 2.09
N ALA B 222 0.05 -12.19 2.52
CA ALA B 222 0.74 -11.12 3.25
C ALA B 222 1.34 -11.65 4.55
N ARG B 223 0.57 -12.46 5.29
CA ARG B 223 1.05 -12.94 6.58
C ARG B 223 2.30 -13.79 6.47
N ALA B 224 2.66 -14.25 5.27
CA ALA B 224 3.92 -14.97 5.11
C ALA B 224 5.10 -14.06 5.44
N ILE B 225 5.17 -12.89 4.81
CA ILE B 225 6.24 -11.94 5.06
C ILE B 225 5.76 -10.72 5.86
N ASN B 226 4.52 -10.29 5.68
CA ASN B 226 3.99 -9.17 6.47
C ASN B 226 3.47 -9.66 7.81
N GLU B 227 3.66 -8.84 8.84
CA GLU B 227 3.14 -9.15 10.17
C GLU B 227 2.70 -7.85 10.84
N PRO B 228 1.42 -7.69 11.14
CA PRO B 228 0.99 -6.49 11.88
C PRO B 228 1.57 -6.48 13.29
N VAL B 229 2.26 -5.39 13.63
CA VAL B 229 2.93 -5.27 14.92
C VAL B 229 2.45 -4.10 15.74
N ILE B 230 1.77 -3.11 15.15
CA ILE B 230 1.35 -1.90 15.86
C ILE B 230 -0.03 -1.50 15.38
N GLY B 231 -0.84 -1.00 16.31
CA GLY B 231 -2.08 -0.33 15.98
C GLY B 231 -2.05 1.07 16.57
N CYS B 232 -2.14 2.11 15.74
CA CYS B 232 -1.95 3.47 16.26
C CYS B 232 -3.05 4.39 15.73
N ILE B 233 -3.25 5.49 16.46
CA ILE B 233 -4.22 6.51 16.10
C ILE B 233 -3.48 7.83 15.93
N PHE B 234 -3.82 8.56 14.87
CA PHE B 234 -3.27 9.90 14.62
C PHE B 234 -4.44 10.76 14.11
N GLY B 235 -5.28 11.20 15.04
CA GLY B 235 -6.39 12.08 14.72
C GLY B 235 -6.41 13.29 15.63
N THR B 236 -7.57 13.60 16.23
CA THR B 236 -7.60 14.66 17.24
C THR B 236 -6.79 14.28 18.47
N GLY B 237 -6.57 12.98 18.69
CA GLY B 237 -5.64 12.50 19.68
C GLY B 237 -4.67 11.50 19.04
N THR B 238 -3.75 11.03 19.87
CA THR B 238 -2.75 10.08 19.40
C THR B 238 -2.50 9.04 20.49
N ASN B 239 -2.20 7.82 20.06
CA ASN B 239 -1.97 6.70 20.95
C ASN B 239 -1.59 5.50 20.09
N GLY B 240 -0.99 4.49 20.74
CA GLY B 240 -0.59 3.30 20.02
C GLY B 240 -0.44 2.11 20.94
N CYS B 241 -0.38 0.93 20.33
CA CYS B 241 -0.23 -0.32 21.05
C CYS B 241 0.67 -1.26 20.27
N TYR B 242 1.23 -2.23 20.98
CA TYR B 242 2.13 -3.22 20.39
C TYR B 242 2.07 -4.48 21.24
N MET B 243 2.68 -5.55 20.74
CA MET B 243 2.73 -6.83 21.44
C MET B 243 4.06 -6.95 22.18
N GLU B 244 3.99 -7.09 23.49
CA GLU B 244 5.17 -7.24 24.34
C GLU B 244 5.24 -8.67 24.84
N LYS B 245 6.46 -9.19 24.97
CA LYS B 245 6.64 -10.52 25.54
C LYS B 245 6.14 -10.54 26.97
N LEU B 246 5.45 -11.62 27.34
CA LEU B 246 4.89 -11.73 28.67
C LEU B 246 5.97 -11.61 29.74
N GLU B 247 7.17 -12.11 29.44
CA GLU B 247 8.26 -12.05 30.41
C GLU B 247 8.63 -10.60 30.77
N ASN B 248 8.44 -9.66 29.83
CA ASN B 248 8.83 -8.27 30.06
C ASN B 248 7.78 -7.46 30.80
N ILE B 249 6.56 -7.96 30.94
CA ILE B 249 5.47 -7.20 31.60
C ILE B 249 5.57 -7.50 33.08
N HIS B 250 6.47 -6.77 33.75
CA HIS B 250 6.72 -7.04 35.17
C HIS B 250 5.58 -6.56 36.06
N LYS B 251 4.84 -5.53 35.64
CA LYS B 251 3.71 -5.06 36.42
C LYS B 251 2.58 -6.09 36.47
N LEU B 252 2.64 -7.14 35.65
CA LEU B 252 1.65 -8.19 35.66
C LEU B 252 1.92 -9.19 36.77
N ASP B 253 0.85 -9.70 37.36
CA ASP B 253 0.94 -10.69 38.43
C ASP B 253 1.79 -11.88 37.96
N PRO B 254 2.91 -12.17 38.63
CA PRO B 254 3.76 -13.28 38.15
C PRO B 254 3.04 -14.60 38.00
N ALA B 255 2.00 -14.86 38.79
CA ALA B 255 1.21 -16.07 38.60
C ALA B 255 0.45 -16.01 37.29
N SER B 256 -0.11 -14.84 36.94
CA SER B 256 -0.80 -14.68 35.67
C SER B 256 0.16 -14.89 34.50
N ARG B 257 1.41 -14.43 34.65
CA ARG B 257 2.40 -14.63 33.60
C ARG B 257 2.62 -16.11 33.32
N GLU B 258 2.84 -16.89 34.39
CA GLU B 258 3.07 -18.33 34.21
C GLU B 258 1.80 -19.03 33.71
N GLU B 259 0.64 -18.62 34.22
CA GLU B 259 -0.61 -19.21 33.78
C GLU B 259 -0.80 -19.06 32.27
N LEU B 260 -0.50 -17.87 31.74
CA LEU B 260 -0.69 -17.63 30.31
C LEU B 260 0.37 -18.36 29.49
N LEU B 261 1.62 -18.36 29.95
CA LEU B 261 2.67 -19.07 29.23
C LEU B 261 2.33 -20.55 29.10
N SER B 262 1.72 -21.13 30.14
CA SER B 262 1.34 -22.54 30.07
C SER B 262 0.21 -22.76 29.07
N GLN B 263 -0.62 -21.75 28.85
CA GLN B 263 -1.72 -21.82 27.89
C GLN B 263 -1.26 -21.57 26.46
N GLY B 264 0.05 -21.47 26.22
CA GLY B 264 0.57 -21.27 24.88
C GLY B 264 0.74 -19.83 24.48
N LYS B 265 0.46 -18.88 25.37
CA LYS B 265 0.60 -17.47 25.05
C LYS B 265 2.06 -17.03 25.18
N THR B 266 2.45 -16.07 24.35
CA THR B 266 3.79 -15.53 24.38
C THR B 266 3.85 -14.01 24.47
N HIS B 267 2.79 -13.31 24.08
CA HIS B 267 2.77 -11.85 24.10
C HIS B 267 1.42 -11.36 24.61
N MET B 268 1.40 -10.11 25.05
CA MET B 268 0.17 -9.42 25.39
C MET B 268 0.23 -8.01 24.84
N CYS B 269 -0.88 -7.56 24.26
CA CYS B 269 -0.95 -6.20 23.72
C CYS B 269 -0.87 -5.19 24.86
N ILE B 270 -0.07 -4.14 24.64
CA ILE B 270 0.17 -3.09 25.63
C ILE B 270 -0.37 -1.78 25.07
N ASN B 271 -1.22 -1.11 25.84
CA ASN B 271 -1.71 0.23 25.51
C ASN B 271 -0.70 1.23 26.05
N THR B 272 0.15 1.75 25.16
CA THR B 272 1.24 2.62 25.61
C THR B 272 0.73 3.95 26.15
N GLU B 273 -0.40 4.45 25.63
CA GLU B 273 -0.86 5.79 25.96
C GLU B 273 0.26 6.81 25.72
N TRP B 274 0.85 6.73 24.51
CA TRP B 274 2.03 7.52 24.23
C TRP B 274 1.72 9.00 24.04
N GLY B 275 0.45 9.39 24.10
CA GLY B 275 0.11 10.80 24.10
C GLY B 275 0.69 11.56 25.28
N SER B 276 0.99 10.87 26.38
CA SER B 276 1.59 11.47 27.56
C SER B 276 3.11 11.28 27.60
N PHE B 277 3.72 11.04 26.45
CA PHE B 277 5.17 10.87 26.38
C PHE B 277 5.88 12.16 26.80
N ASP B 278 6.88 12.01 27.67
CA ASP B 278 7.75 13.11 28.09
C ASP B 278 6.95 14.36 28.45
N ASN B 279 6.05 14.22 29.41
CA ASN B 279 5.29 15.37 29.88
C ASN B 279 6.14 16.35 30.67
N GLU B 280 7.34 15.94 31.10
CA GLU B 280 8.27 16.86 31.73
C GLU B 280 8.99 17.73 30.72
N LEU B 281 8.82 17.46 29.42
CA LEU B 281 9.50 18.22 28.36
C LEU B 281 11.01 18.20 28.57
N ASN B 282 11.55 17.04 28.95
CA ASN B 282 12.99 16.91 29.09
C ASN B 282 13.69 16.92 27.74
N HIS B 283 13.00 16.48 26.68
CA HIS B 283 13.58 16.44 25.35
C HIS B 283 12.65 16.86 24.22
N LEU B 284 11.33 16.89 24.44
CA LEU B 284 10.43 17.26 23.35
C LEU B 284 10.66 18.72 22.94
N PRO B 285 10.49 19.04 21.65
CA PRO B 285 10.54 20.44 21.24
C PRO B 285 9.39 21.23 21.86
N THR B 286 9.60 22.53 21.99
CA THR B 286 8.60 23.38 22.63
C THR B 286 8.78 24.81 22.15
N THR B 287 7.74 25.37 21.56
CA THR B 287 7.70 26.78 21.20
C THR B 287 6.77 27.51 22.17
N SER B 288 6.87 28.84 22.18
CA SER B 288 5.95 29.65 22.98
C SER B 288 4.50 29.30 22.64
N TYR B 289 4.23 29.00 21.37
CA TYR B 289 2.87 28.71 20.95
C TYR B 289 2.37 27.39 21.55
N ASP B 290 3.28 26.42 21.74
CA ASP B 290 2.89 25.18 22.39
C ASP B 290 2.55 25.43 23.86
N ILE B 291 3.29 26.32 24.52
CA ILE B 291 3.02 26.62 25.92
C ILE B 291 1.72 27.41 26.06
N LYS B 292 1.49 28.37 25.17
CA LYS B 292 0.26 29.16 25.25
C LYS B 292 -0.98 28.30 25.06
N ILE B 293 -0.92 27.34 24.13
CA ILE B 293 -2.07 26.49 23.86
C ILE B 293 -2.35 25.57 25.04
N ASP B 294 -1.29 25.04 25.66
CA ASP B 294 -1.47 24.09 26.76
C ASP B 294 -2.09 24.76 27.98
N GLN B 295 -1.59 25.94 28.34
CA GLN B 295 -1.99 26.58 29.60
C GLN B 295 -3.24 27.44 29.47
N GLN B 296 -3.69 27.74 28.25
CA GLN B 296 -4.81 28.65 28.06
C GLN B 296 -5.96 28.08 27.25
N PHE B 297 -5.71 27.11 26.37
CA PHE B 297 -6.74 26.60 25.47
C PHE B 297 -6.89 25.08 25.56
N SER B 298 -6.41 24.46 26.63
CA SER B 298 -6.50 23.01 26.81
C SER B 298 -7.47 22.69 27.92
N THR B 299 -8.35 21.72 27.67
CA THR B 299 -9.26 21.24 28.71
C THR B 299 -8.51 20.55 29.83
N ASN B 300 -7.30 20.06 29.58
CA ASN B 300 -6.47 19.39 30.57
C ASN B 300 -5.08 19.98 30.53
N PRO B 301 -4.89 21.19 31.08
CA PRO B 301 -3.56 21.81 31.07
C PRO B 301 -2.54 20.94 31.79
N GLY B 302 -1.40 20.73 31.15
CA GLY B 302 -0.32 19.94 31.71
C GLY B 302 -0.28 18.49 31.25
N PHE B 303 -1.35 17.99 30.64
CA PHE B 303 -1.44 16.60 30.25
C PHE B 303 -1.27 16.43 28.75
N HIS B 304 -0.82 15.24 28.35
CA HIS B 304 -0.72 14.82 26.95
C HIS B 304 -0.05 15.89 26.09
N LEU B 305 1.16 16.29 26.50
CA LEU B 305 1.87 17.33 25.76
C LEU B 305 2.38 16.82 24.42
N PHE B 306 2.86 15.58 24.38
CA PHE B 306 3.25 14.99 23.10
C PHE B 306 2.07 14.99 22.14
N GLU B 307 0.89 14.62 22.62
CA GLU B 307 -0.31 14.66 21.80
C GLU B 307 -0.57 16.05 21.25
N LYS B 308 -0.35 17.08 22.07
CA LYS B 308 -0.65 18.45 21.65
C LYS B 308 0.31 18.97 20.59
N ARG B 309 1.38 18.23 20.29
CA ARG B 309 2.34 18.61 19.26
C ARG B 309 2.14 17.84 17.96
N VAL B 310 1.35 16.77 17.96
CA VAL B 310 1.12 15.99 16.76
C VAL B 310 -0.35 15.87 16.40
N SER B 311 -1.27 16.01 17.34
CA SER B 311 -2.68 15.76 17.05
C SER B 311 -3.24 16.86 16.15
N GLY B 312 -4.23 16.49 15.35
CA GLY B 312 -4.85 17.42 14.44
C GLY B 312 -5.79 18.43 15.08
N LEU B 313 -6.02 18.33 16.39
CA LEU B 313 -6.87 19.32 17.04
C LEU B 313 -6.13 20.65 17.25
N TYR B 314 -4.81 20.60 17.40
CA TYR B 314 -4.02 21.77 17.77
C TYR B 314 -3.18 22.32 16.63
N LEU B 315 -3.01 21.57 15.54
CA LEU B 315 -2.14 22.04 14.46
C LEU B 315 -2.63 23.38 13.93
N GLY B 316 -3.91 23.48 13.60
CA GLY B 316 -4.45 24.75 13.13
C GLY B 316 -4.40 25.83 14.19
N GLU B 317 -4.58 25.45 15.46
CA GLU B 317 -4.53 26.43 16.54
C GLU B 317 -3.12 27.01 16.70
N ILE B 318 -2.10 26.17 16.49
CA ILE B 318 -0.72 26.68 16.53
C ILE B 318 -0.55 27.79 15.49
N LEU B 319 -1.13 27.61 14.30
CA LEU B 319 -1.05 28.65 13.28
C LEU B 319 -1.72 29.92 13.75
N ARG B 320 -2.91 29.80 14.36
CA ARG B 320 -3.64 30.98 14.81
C ARG B 320 -2.79 31.81 15.77
N ASN B 321 -2.16 31.16 16.73
CA ASN B 321 -1.33 31.88 17.69
C ASN B 321 -0.09 32.47 17.04
N ILE B 322 0.38 31.85 15.95
CA ILE B 322 1.51 32.42 15.22
C ILE B 322 1.08 33.69 14.50
N LEU B 323 -0.12 33.69 13.92
CA LEU B 323 -0.61 34.89 13.24
C LEU B 323 -1.00 35.99 14.22
N LEU B 324 -1.53 35.62 15.38
CA LEU B 324 -1.80 36.62 16.41
C LEU B 324 -0.52 37.25 16.92
N ASP B 325 0.51 36.44 17.16
CA ASP B 325 1.79 36.96 17.63
C ASP B 325 2.43 37.86 16.59
N LEU B 326 2.26 37.55 15.30
CA LEU B 326 2.80 38.42 14.26
C LEU B 326 2.03 39.74 14.17
N GLU B 327 0.75 39.74 14.53
CA GLU B 327 -0.01 40.99 14.54
C GLU B 327 0.36 41.86 15.73
N LYS B 328 0.68 41.25 16.87
CA LYS B 328 1.13 42.03 18.02
C LYS B 328 2.42 42.78 17.69
N GLN B 329 3.30 42.14 16.90
CA GLN B 329 4.50 42.79 16.40
C GLN B 329 4.24 43.70 15.21
N GLU B 330 2.98 43.85 14.80
CA GLU B 330 2.59 44.75 13.72
C GLU B 330 3.25 44.37 12.40
N LEU B 331 3.50 43.07 12.20
CA LEU B 331 4.08 42.58 10.96
C LEU B 331 3.05 41.94 10.03
N PHE B 332 1.90 41.52 10.55
CA PHE B 332 0.87 40.85 9.77
C PHE B 332 -0.47 41.51 10.06
N ASP B 333 -1.22 41.80 9.00
CA ASP B 333 -2.50 42.50 9.11
C ASP B 333 -3.64 41.50 9.06
N LEU B 334 -4.32 41.34 10.20
CA LEU B 334 -5.47 40.45 10.30
C LEU B 334 -6.73 41.04 9.69
N LYS B 335 -6.72 42.34 9.35
CA LYS B 335 -7.83 42.96 8.65
C LYS B 335 -9.15 42.71 9.36
N GLU B 336 -10.22 42.47 8.60
CA GLU B 336 -11.53 42.16 9.18
C GLU B 336 -11.73 40.66 9.36
N SER B 337 -10.73 39.98 9.93
CA SER B 337 -10.85 38.56 10.22
C SER B 337 -11.46 38.37 11.60
N VAL B 338 -11.55 37.10 12.02
CA VAL B 338 -12.13 36.78 13.32
C VAL B 338 -11.23 35.78 14.05
N LEU B 339 -9.93 35.85 13.81
CA LEU B 339 -9.02 34.95 14.50
C LEU B 339 -8.86 35.31 15.97
N LYS B 340 -9.11 36.55 16.34
CA LYS B 340 -8.94 36.98 17.72
C LYS B 340 -10.15 36.56 18.55
N ASN B 341 -9.89 35.87 19.66
CA ASN B 341 -10.92 35.44 20.61
C ASN B 341 -11.83 34.36 20.02
N ASN B 342 -11.33 33.59 19.06
CA ASN B 342 -12.05 32.45 18.50
C ASN B 342 -11.09 31.27 18.40
N PRO B 343 -10.71 30.69 19.54
CA PRO B 343 -9.78 29.55 19.51
C PRO B 343 -10.30 28.40 18.66
N PHE B 344 -9.36 27.69 18.03
CA PHE B 344 -9.63 26.49 17.24
C PHE B 344 -10.50 26.76 16.02
N ILE B 345 -10.72 28.02 15.66
CA ILE B 345 -11.49 28.32 14.46
C ILE B 345 -10.73 27.86 13.22
N LEU B 346 -9.40 27.85 13.28
CA LEU B 346 -8.58 27.29 12.21
C LEU B 346 -8.35 25.82 12.52
N THR B 347 -8.90 24.96 11.67
CA THR B 347 -8.86 23.51 11.89
C THR B 347 -7.82 22.86 11.00
N THR B 348 -7.45 21.63 11.36
CA THR B 348 -6.49 20.89 10.57
C THR B 348 -7.00 20.66 9.15
N GLU B 349 -8.32 20.61 8.96
CA GLU B 349 -8.85 20.55 7.60
C GLU B 349 -8.49 21.81 6.83
N THR B 350 -8.59 22.97 7.48
CA THR B 350 -8.16 24.21 6.85
C THR B 350 -6.71 24.12 6.40
N LEU B 351 -5.84 23.59 7.26
CA LEU B 351 -4.43 23.46 6.91
C LEU B 351 -4.22 22.41 5.81
N SER B 352 -5.11 21.42 5.72
CA SER B 352 -4.97 20.41 4.68
C SER B 352 -5.06 21.03 3.29
N HIS B 353 -5.89 22.07 3.13
CA HIS B 353 -6.03 22.75 1.85
C HIS B 353 -4.85 23.67 1.54
N ILE B 354 -3.97 23.93 2.50
CA ILE B 354 -2.85 24.85 2.32
C ILE B 354 -1.58 24.04 2.08
N GLU B 355 -1.50 22.85 2.67
CA GLU B 355 -0.28 22.05 2.61
C GLU B 355 0.19 21.85 1.18
N ILE B 356 -0.70 21.36 0.31
CA ILE B 356 -0.35 21.04 -1.07
C ILE B 356 -0.90 22.06 -2.04
N ASP B 357 -1.44 23.17 -1.54
CA ASP B 357 -1.92 24.22 -2.43
C ASP B 357 -0.80 24.63 -3.38
N THR B 358 -1.15 24.86 -4.64
CA THR B 358 -0.15 25.12 -5.67
C THR B 358 0.13 26.61 -5.73
N VAL B 359 1.43 26.96 -5.73
CA VAL B 359 1.82 28.36 -5.80
C VAL B 359 1.67 28.92 -7.21
N GLU B 360 1.71 28.06 -8.24
CA GLU B 360 1.52 28.52 -9.61
C GLU B 360 0.12 29.06 -9.85
N ASN B 361 -0.84 28.74 -8.98
CA ASN B 361 -2.17 29.33 -9.03
C ASN B 361 -2.33 30.47 -8.03
N ASP B 362 -1.22 31.03 -7.56
CA ASP B 362 -1.23 32.07 -6.53
C ASP B 362 -1.97 31.61 -5.27
N LEU B 363 -1.90 30.31 -4.97
CA LEU B 363 -2.44 29.74 -3.75
C LEU B 363 -3.91 30.12 -3.54
N GLN B 364 -4.73 29.71 -4.50
CA GLN B 364 -6.16 30.02 -4.42
C GLN B 364 -6.83 29.25 -3.28
N ASP B 365 -6.56 27.96 -3.17
CA ASP B 365 -7.17 27.17 -2.09
C ASP B 365 -6.86 27.79 -0.72
N THR B 366 -5.64 28.30 -0.55
CA THR B 366 -5.30 28.98 0.71
C THR B 366 -6.17 30.22 0.91
N ARG B 367 -6.31 31.03 -0.15
CA ARG B 367 -7.19 32.19 -0.08
C ARG B 367 -8.61 31.78 0.33
N ASP B 368 -9.16 30.77 -0.34
CA ASP B 368 -10.53 30.37 -0.07
C ASP B 368 -10.67 29.75 1.32
N ALA B 369 -9.72 28.89 1.70
CA ALA B 369 -9.82 28.23 3.00
C ALA B 369 -9.75 29.23 4.14
N LEU B 370 -9.01 30.32 3.98
CA LEU B 370 -8.88 31.31 5.04
C LEU B 370 -10.07 32.27 5.08
N LEU B 371 -10.67 32.57 3.92
CA LEU B 371 -11.88 33.38 3.92
C LEU B 371 -13.05 32.61 4.50
N LYS B 372 -13.18 31.33 4.15
CA LYS B 372 -14.28 30.52 4.66
C LYS B 372 -14.14 30.25 6.15
N ALA B 373 -12.90 30.15 6.64
CA ALA B 373 -12.69 29.77 8.04
C ALA B 373 -12.78 30.96 8.98
N ALA B 374 -12.25 32.13 8.55
CA ALA B 374 -12.29 33.30 9.43
C ALA B 374 -12.37 34.62 8.67
N ASP B 375 -12.90 34.61 7.44
CA ASP B 375 -13.03 35.83 6.64
C ASP B 375 -11.74 36.64 6.61
N LEU B 376 -10.60 35.94 6.60
CA LEU B 376 -9.29 36.56 6.53
C LEU B 376 -8.90 36.75 5.07
N GLU B 377 -8.98 37.98 4.59
CA GLU B 377 -8.46 38.28 3.26
C GLU B 377 -6.94 38.25 3.28
N THR B 378 -6.36 37.80 2.18
CA THR B 378 -4.91 37.61 2.10
C THR B 378 -4.41 38.02 0.73
N THR B 379 -3.15 38.44 0.70
CA THR B 379 -2.42 38.66 -0.54
C THR B 379 -1.57 37.44 -0.86
N PHE B 380 -1.08 37.38 -2.11
CA PHE B 380 -0.27 36.24 -2.52
C PHE B 380 0.97 36.11 -1.66
N GLU B 381 1.65 37.23 -1.38
CA GLU B 381 2.86 37.18 -0.56
C GLU B 381 2.55 36.69 0.85
N GLU B 382 1.39 37.09 1.39
CA GLU B 382 0.98 36.59 2.70
C GLU B 382 0.66 35.10 2.65
N ARG B 383 0.03 34.64 1.57
CA ARG B 383 -0.34 33.23 1.47
C ARG B 383 0.90 32.36 1.33
N VAL B 384 1.91 32.83 0.59
CA VAL B 384 3.18 32.12 0.52
C VAL B 384 3.72 31.85 1.92
N LEU B 385 3.66 32.85 2.79
CA LEU B 385 4.24 32.72 4.13
C LEU B 385 3.36 31.86 5.04
N ILE B 386 2.03 31.95 4.89
CA ILE B 386 1.16 31.08 5.66
C ILE B 386 1.41 29.62 5.30
N GLN B 387 1.56 29.34 4.00
CA GLN B 387 1.86 27.97 3.59
C GLN B 387 3.15 27.48 4.22
N LYS B 388 4.18 28.33 4.27
CA LYS B 388 5.42 27.94 4.93
C LYS B 388 5.17 27.58 6.39
N LEU B 389 4.37 28.38 7.10
CA LEU B 389 4.08 28.09 8.49
C LEU B 389 3.35 26.76 8.64
N VAL B 390 2.34 26.54 7.80
CA VAL B 390 1.59 25.29 7.86
C VAL B 390 2.51 24.10 7.63
N ARG B 391 3.34 24.17 6.58
CA ARG B 391 4.24 23.07 6.26
C ARG B 391 5.25 22.82 7.38
N ALA B 392 5.65 23.86 8.10
CA ALA B 392 6.55 23.66 9.23
C ALA B 392 5.83 22.97 10.38
N ILE B 393 4.57 23.35 10.63
CA ILE B 393 3.81 22.76 11.72
C ILE B 393 3.56 21.27 11.44
N SER B 394 3.11 20.95 10.23
CA SER B 394 2.72 19.59 9.91
C SER B 394 3.93 18.66 9.88
N ARG B 395 5.08 19.15 9.39
CA ARG B 395 6.27 18.31 9.33
C ARG B 395 6.72 17.94 10.74
N ARG B 396 6.66 18.87 11.68
CA ARG B 396 7.02 18.54 13.06
C ARG B 396 6.10 17.46 13.60
N ALA B 397 4.80 17.61 13.39
CA ALA B 397 3.85 16.59 13.82
C ALA B 397 4.18 15.24 13.20
N ALA B 398 4.46 15.23 11.90
CA ALA B 398 4.78 13.98 11.21
C ALA B 398 6.08 13.37 11.74
N PHE B 399 7.08 14.20 12.02
CA PHE B 399 8.36 13.68 12.49
C PHE B 399 8.25 13.13 13.91
N LEU B 400 7.56 13.84 14.80
CA LEU B 400 7.35 13.31 16.15
C LEU B 400 6.46 12.07 16.11
N ALA B 401 5.53 12.00 15.16
CA ALA B 401 4.66 10.84 15.06
C ALA B 401 5.44 9.56 14.78
N ALA B 402 6.58 9.66 14.11
CA ALA B 402 7.37 8.49 13.77
C ALA B 402 8.19 7.98 14.95
N VAL B 403 8.43 8.81 15.97
CA VAL B 403 9.31 8.43 17.07
C VAL B 403 8.79 7.21 17.81
N PRO B 404 7.54 7.21 18.33
CA PRO B 404 7.07 6.01 19.03
C PRO B 404 7.09 4.76 18.17
N ILE B 405 6.80 4.88 16.88
CA ILE B 405 6.81 3.71 16.00
C ILE B 405 8.23 3.17 15.87
N ALA B 406 9.20 4.05 15.60
CA ALA B 406 10.59 3.62 15.53
C ALA B 406 11.03 2.96 16.84
N ALA B 407 10.64 3.55 17.97
CA ALA B 407 11.05 3.01 19.26
C ALA B 407 10.52 1.60 19.48
N ILE B 408 9.26 1.36 19.12
CA ILE B 408 8.67 0.05 19.32
C ILE B 408 9.35 -1.00 18.45
N LEU B 409 9.64 -0.65 17.19
CA LEU B 409 10.28 -1.60 16.29
C LEU B 409 11.69 -1.97 16.77
N ILE B 410 12.38 -1.03 17.39
CA ILE B 410 13.72 -1.31 17.91
C ILE B 410 13.63 -2.13 19.19
N LYS B 411 12.73 -1.74 20.10
CA LYS B 411 12.64 -2.41 21.39
C LYS B 411 12.32 -3.89 21.22
N THR B 412 11.40 -4.21 20.32
CA THR B 412 10.98 -5.59 20.07
C THR B 412 11.79 -6.28 18.99
N ASN B 413 12.78 -5.61 18.41
CA ASN B 413 13.59 -6.17 17.33
C ASN B 413 12.72 -6.85 16.28
N ALA B 414 11.73 -6.10 15.79
CA ALA B 414 10.72 -6.66 14.90
C ALA B 414 11.15 -6.67 13.44
N LEU B 415 12.18 -5.90 13.09
CA LEU B 415 12.57 -5.78 11.69
C LEU B 415 13.42 -6.96 11.24
N ASN B 416 14.31 -7.45 12.10
CA ASN B 416 15.23 -8.51 11.74
C ASN B 416 14.80 -9.81 12.42
N GLN B 417 13.67 -10.34 11.94
CA GLN B 417 13.12 -11.61 12.44
C GLN B 417 13.20 -12.73 11.42
N SER B 418 13.26 -12.41 10.13
CA SER B 418 13.31 -13.44 9.09
C SER B 418 13.67 -12.78 7.77
N TYR B 419 14.13 -13.61 6.83
CA TYR B 419 14.39 -13.14 5.47
C TYR B 419 13.12 -12.53 4.89
N HIS B 420 13.24 -11.34 4.32
CA HIS B 420 12.12 -10.60 3.74
C HIS B 420 11.09 -10.16 4.78
N CYS B 421 11.51 -10.05 6.05
CA CYS B 421 10.59 -9.67 7.12
C CYS B 421 10.02 -8.28 6.87
N GLN B 422 8.69 -8.21 6.70
CA GLN B 422 7.97 -6.96 6.58
C GLN B 422 7.06 -6.77 7.78
N VAL B 423 6.93 -5.53 8.25
CA VAL B 423 6.08 -5.21 9.38
C VAL B 423 5.02 -4.21 8.93
N GLU B 424 3.84 -4.31 9.52
CA GLU B 424 2.72 -3.44 9.21
C GLU B 424 2.36 -2.64 10.46
N VAL B 425 2.22 -1.34 10.31
CA VAL B 425 1.72 -0.46 11.37
C VAL B 425 0.33 -0.04 10.91
N GLY B 426 -0.70 -0.67 11.47
CA GLY B 426 -2.06 -0.33 11.13
C GLY B 426 -2.52 0.90 11.88
N CYS B 427 -2.90 1.94 11.16
CA CYS B 427 -3.19 3.23 11.80
C CYS B 427 -4.45 3.85 11.24
N ASP B 428 -5.20 4.48 12.14
CA ASP B 428 -6.43 5.21 11.84
C ASP B 428 -6.27 6.63 12.37
N GLY B 429 -7.25 7.48 12.02
CA GLY B 429 -7.21 8.86 12.43
C GLY B 429 -7.28 9.82 11.26
N SER B 430 -7.84 11.00 11.48
CA SER B 430 -8.05 11.93 10.39
C SER B 430 -6.73 12.42 9.80
N VAL B 431 -5.71 12.60 10.63
CA VAL B 431 -4.46 13.21 10.17
C VAL B 431 -3.67 12.21 9.33
N VAL B 432 -3.34 11.04 9.90
CA VAL B 432 -2.54 10.08 9.17
C VAL B 432 -3.26 9.58 7.93
N GLU B 433 -4.58 9.68 7.89
CA GLU B 433 -5.35 9.18 6.76
C GLU B 433 -5.56 10.24 5.68
N HIS B 434 -5.82 11.48 6.07
CA HIS B 434 -6.28 12.49 5.14
C HIS B 434 -5.39 13.72 5.03
N TYR B 435 -4.50 13.98 5.98
CA TYR B 435 -3.65 15.16 5.86
C TYR B 435 -2.63 14.93 4.75
N PRO B 436 -2.61 15.73 3.70
CA PRO B 436 -1.73 15.43 2.56
C PRO B 436 -0.27 15.33 2.98
N GLY B 437 0.36 14.21 2.62
CA GLY B 437 1.78 14.04 2.85
C GLY B 437 2.20 13.75 4.28
N PHE B 438 1.25 13.55 5.19
CA PHE B 438 1.61 13.27 6.57
C PHE B 438 2.37 11.94 6.67
N ARG B 439 1.86 10.89 6.02
CA ARG B 439 2.56 9.61 6.05
C ARG B 439 3.87 9.66 5.29
N SER B 440 3.91 10.39 4.17
CA SER B 440 5.16 10.53 3.44
C SER B 440 6.24 11.13 4.33
N MET B 441 5.86 12.12 5.15
CA MET B 441 6.83 12.73 6.06
C MET B 441 7.15 11.81 7.24
N MET B 442 6.19 10.99 7.66
CA MET B 442 6.49 9.98 8.68
C MET B 442 7.52 8.99 8.18
N ARG B 443 7.40 8.55 6.92
CA ARG B 443 8.38 7.63 6.35
C ARG B 443 9.76 8.27 6.31
N HIS B 444 9.82 9.57 6.05
CA HIS B 444 11.10 10.28 6.08
C HIS B 444 11.73 10.20 7.47
N ALA B 445 10.94 10.54 8.49
CA ALA B 445 11.47 10.50 9.85
C ALA B 445 11.90 9.09 10.24
N LEU B 446 11.13 8.08 9.84
CA LEU B 446 11.54 6.70 10.11
C LEU B 446 12.90 6.38 9.51
N ALA B 447 13.14 6.84 8.27
CA ALA B 447 14.43 6.59 7.65
C ALA B 447 15.55 7.32 8.38
N LEU B 448 15.25 8.45 9.00
CA LEU B 448 16.24 9.17 9.80
C LEU B 448 16.44 8.54 11.17
N SER B 449 15.44 7.82 11.69
CA SER B 449 15.54 7.21 13.00
C SER B 449 16.59 6.10 12.98
N PRO B 450 16.90 5.52 14.15
CA PRO B 450 17.97 4.51 14.20
C PRO B 450 17.72 3.27 13.34
N ILE B 451 16.49 3.03 12.88
CA ILE B 451 16.26 1.90 11.99
C ILE B 451 16.80 2.19 10.59
N GLY B 452 16.99 3.46 10.25
CA GLY B 452 17.63 3.83 9.01
C GLY B 452 16.75 3.59 7.79
N PRO B 453 17.26 3.99 6.62
CA PRO B 453 16.52 3.70 5.38
C PRO B 453 16.26 2.23 5.17
N GLU B 454 17.21 1.38 5.58
CA GLU B 454 17.04 -0.06 5.39
C GLU B 454 15.79 -0.56 6.12
N GLY B 455 15.49 0.02 7.27
CA GLY B 455 14.37 -0.42 8.07
C GLY B 455 13.04 0.12 7.57
N GLU B 456 13.03 1.39 7.16
CA GLU B 456 11.80 1.99 6.64
C GLU B 456 11.25 1.19 5.47
N ARG B 457 12.13 0.71 4.60
CA ARG B 457 11.67 -0.04 3.42
C ARG B 457 10.87 -1.26 3.82
N ASP B 458 11.12 -1.81 5.01
CA ASP B 458 10.42 -2.99 5.50
C ASP B 458 9.28 -2.64 6.44
N VAL B 459 9.00 -1.35 6.66
CA VAL B 459 7.86 -0.90 7.44
C VAL B 459 6.79 -0.41 6.48
N HIS B 460 5.53 -0.71 6.79
CA HIS B 460 4.40 -0.36 5.95
C HIS B 460 3.33 0.29 6.82
N LEU B 461 3.15 1.60 6.67
CA LEU B 461 2.09 2.32 7.35
C LEU B 461 0.82 2.13 6.54
N ARG B 462 -0.05 1.25 7.00
CA ARG B 462 -1.27 0.90 6.29
C ARG B 462 -2.46 1.50 7.03
N ILE B 463 -3.34 2.18 6.28
CA ILE B 463 -4.56 2.72 6.87
C ILE B 463 -5.52 1.57 7.14
N SER B 464 -6.00 1.48 8.38
CA SER B 464 -6.87 0.38 8.81
C SER B 464 -8.11 1.00 9.44
N LYS B 465 -9.23 0.94 8.73
CA LYS B 465 -10.47 1.50 9.22
C LYS B 465 -11.30 0.44 9.94
N ASP B 466 -12.40 0.88 10.56
CA ASP B 466 -13.33 -0.02 11.24
C ASP B 466 -12.65 -0.80 12.35
N GLY B 467 -11.63 -0.20 12.97
CA GLY B 467 -10.90 -0.90 14.03
C GLY B 467 -11.69 -0.99 15.32
N SER B 468 -12.44 0.06 15.65
CA SER B 468 -13.24 0.08 16.88
C SER B 468 -14.50 -0.78 16.77
N GLY B 469 -14.70 -1.43 15.63
CA GLY B 469 -15.84 -2.30 15.44
C GLY B 469 -15.38 -3.72 15.20
N VAL B 470 -14.64 -3.94 14.11
CA VAL B 470 -14.14 -5.28 13.82
C VAL B 470 -13.22 -5.76 14.92
N GLY B 471 -12.40 -4.86 15.47
CA GLY B 471 -11.52 -5.25 16.57
C GLY B 471 -12.30 -5.68 17.81
N ALA B 472 -13.30 -4.89 18.19
CA ALA B 472 -14.13 -5.25 19.33
C ALA B 472 -14.91 -6.54 19.06
N ALA B 473 -15.45 -6.68 17.85
CA ALA B 473 -16.20 -7.89 17.52
C ALA B 473 -15.32 -9.14 17.63
N LEU B 474 -14.04 -9.03 17.31
CA LEU B 474 -13.15 -10.19 17.37
C LEU B 474 -12.89 -10.60 18.82
N CYS B 475 -12.76 -9.62 19.73
CA CYS B 475 -12.64 -9.96 21.13
C CYS B 475 -13.92 -10.61 21.65
N ALA B 476 -15.08 -10.16 21.18
CA ALA B 476 -16.34 -10.72 21.67
C ALA B 476 -16.60 -12.09 21.07
N LEU B 477 -16.08 -12.36 19.87
CA LEU B 477 -16.24 -13.67 19.27
C LEU B 477 -15.56 -14.73 20.11
N HIS B 478 -14.33 -14.46 20.54
CA HIS B 478 -13.53 -15.41 21.29
C HIS B 478 -13.90 -15.47 22.78
N ALA B 479 -14.57 -14.44 23.29
CA ALA B 479 -14.97 -14.41 24.69
C ALA B 479 -16.28 -15.18 24.89
N ASN B 480 -16.53 -15.53 26.15
CA ASN B 480 -17.72 -16.30 26.50
C ASN B 480 -18.88 -15.39 26.90
N TYR B 481 -20.07 -15.73 26.43
CA TYR B 481 -21.29 -14.99 26.77
C TYR B 481 -21.60 -15.12 28.25
C1 MLI C . -2.44 -16.47 -20.90
C2 MLI C . -3.97 -16.43 -20.92
C3 MLI C . -1.80 -15.09 -21.05
O6 MLI C . -4.54 -16.01 -21.95
O7 MLI C . -4.59 -16.83 -19.92
O8 MLI C . -0.56 -15.03 -21.11
O9 MLI C . -2.55 -14.09 -21.09
H11 MLI C . -2.13 -17.04 -21.62
H12 MLI C . -2.16 -16.86 -20.05
C1 MLI D . 27.90 0.39 -25.64
C2 MLI D . 28.08 1.19 -26.91
C3 MLI D . 28.26 1.15 -24.37
O6 MLI D . 28.54 2.34 -26.82
O7 MLI D . 27.74 0.67 -27.99
O8 MLI D . 27.62 2.18 -24.11
O9 MLI D . 29.18 0.71 -23.65
H11 MLI D . 26.97 0.09 -25.58
H12 MLI D . 28.46 -0.42 -25.69
C1 MLI E . 1.76 -13.35 -17.89
C2 MLI E . 1.98 -13.73 -16.43
C3 MLI E . 3.01 -12.80 -18.58
O6 MLI E . 2.78 -14.65 -16.18
O7 MLI E . 1.33 -13.11 -15.56
O8 MLI E . 4.08 -12.78 -17.94
O9 MLI E . 2.90 -12.39 -19.76
H11 MLI E . 1.06 -12.67 -17.94
H12 MLI E . 1.46 -14.13 -18.38
C1 MLI F . 14.69 15.09 -22.57
C2 MLI F . 14.56 14.09 -21.42
C3 MLI F . 13.85 16.35 -22.44
O6 MLI F . 13.71 14.30 -20.54
O7 MLI F . 15.33 13.10 -21.42
O8 MLI F . 13.11 16.48 -21.44
O9 MLI F . 13.93 17.21 -23.34
H11 MLI F . 14.45 14.64 -23.40
H12 MLI F . 15.63 15.35 -22.64
C1 MLI G . 15.01 -7.66 0.84
C2 MLI G . 14.79 -8.22 2.24
C3 MLI G . 16.20 -6.70 0.74
O6 MLI G . 14.99 -9.44 2.41
O7 MLI G . 14.42 -7.44 3.14
O8 MLI G . 16.49 -6.25 -0.38
O9 MLI G . 16.82 -6.45 1.78
H11 MLI G . 15.14 -8.39 0.22
H12 MLI G . 14.20 -7.18 0.56
C1 MLI H . 8.70 13.71 2.12
C2 MLI H . 9.91 14.27 2.87
C3 MLI H . 7.56 14.71 1.99
O6 MLI H . 10.96 14.46 2.24
O7 MLI H . 9.78 14.50 4.09
O8 MLI H . 7.79 15.91 2.29
O9 MLI H . 6.45 14.29 1.60
H11 MLI H . 8.38 12.92 2.58
H12 MLI H . 8.98 13.44 1.22
C1 MLI I . -14.35 10.34 18.34
C2 MLI I . -12.91 10.55 18.80
C3 MLI I . -14.47 9.69 16.97
O6 MLI I . -12.19 9.54 18.97
O7 MLI I . -12.53 11.72 18.98
O8 MLI I . -13.43 9.33 16.40
O9 MLI I . -15.61 9.56 16.48
H11 MLI I . -14.81 11.19 18.32
H12 MLI I . -14.81 9.77 18.99
C1 MLI J . -8.55 17.93 25.34
C2 MLI J . -7.25 18.32 26.03
C3 MLI J . -9.36 19.08 24.76
O6 MLI J . -6.99 19.53 26.17
O7 MLI J . -6.50 17.41 26.42
O8 MLI J . -10.43 18.82 24.19
O9 MLI J . -8.92 20.24 24.88
H11 MLI J . -9.11 17.45 25.99
H12 MLI J . -8.34 17.30 24.62
C1 MLI K . -7.16 16.00 9.24
C2 MLI K . -8.28 16.51 10.15
C3 MLI K . -7.40 16.15 7.75
O6 MLI K . -8.08 16.54 11.38
O7 MLI K . -9.36 16.86 9.63
O8 MLI K . -6.50 15.77 6.98
O9 MLI K . -8.49 16.62 7.36
H11 MLI K . -7.02 15.05 9.44
H12 MLI K . -6.34 16.47 9.48
C1 MLI L . -10.61 11.46 16.01
C2 MLI L . -9.46 10.64 16.59
C3 MLI L . -10.35 11.98 14.60
O6 MLI L . -9.05 9.66 15.93
O7 MLI L . -8.98 10.98 17.69
O8 MLI L . -10.13 11.15 13.70
O9 MLI L . -10.37 13.21 14.42
H11 MLI L . -10.78 12.22 16.61
H12 MLI L . -11.41 10.91 16.01
#